data_7BGK
#
_entry.id   7BGK
#
_cell.length_a   1.00
_cell.length_b   1.00
_cell.length_c   1.00
_cell.angle_alpha   90.00
_cell.angle_beta   90.00
_cell.angle_gamma   90.00
#
_symmetry.space_group_name_H-M   'P 1'
#
loop_
_entity.id
_entity.type
_entity.pdbx_description
1 polymer 'Structural polyprotein'
2 polymer 'Structural polyprotein'
3 polymer 'Structural polyprotein'
4 polymer 'Structural polyprotein'
#
loop_
_entity_poly.entity_id
_entity_poly.type
_entity_poly.pdbx_seq_one_letter_code
_entity_poly.pdbx_strand_id
1 'polypeptide(L)' IATPNKSKSTKPTSENPKIGPISEVASGVKTAANGIERIPVLGEIAKPVTAAVKWFADIVGGVAAIFGW D
2 'polypeptide(L)'
;INLSNKTDENTISFFDSGDPERMNNEALMRGCGEQIVNLRPLLRTFRTINDNWSLAANTKTPITDLTNTADAEGRDYMSY
LSFLYRFYRGGRRYKFFNTTPLKQSQTCYVRSFLIPRNYTADEINTDGPSHITYPVINPVHEVEVPFYSQYRKIPIASTS
DKGYDSSLMYYTNVGTQQIVARAGNDDFTFGWMIGTPQLQGITKEVAN
;
A
3 'polypeptide(L)'
;SKPRNQNQVMPYQNVPGWGYSLYKGIDMSVPLAYDPNNELGDLRDVFPSAVDEMAIGYVCGNPAIKHVLTWSTTDVVQNP
ISNGDDWGGVIPVGMPCYSKTIRAVKGATSTSKTEVMDPAPCEYVANLFSYWRATMCYRITVVKTAFHTGRLEIFFEPGS
IPTVRTADNLGPDQTQLNGTIAPSDNNYKYILDLTNDTEVTIKVPYVSNKMFMKTVGIYGAHDEDNWNFDESFTGFLCIR
PITKLMAPDTVSQKVSIVVWKWAEDVVVVEPKPLTSGPTQVYNPPAVARDLVKQIDVSMQ
;
C
4 'polypeptide(L)'
;ADNQENDSTNVHNTKLASTSAENAIEKEQITTFHDVETPNRIDTPMAQDTSSARSMDDTHSIIQFLQRPVLIDNIEIVAG
TTADNNTALSRYVLDRTNPQKYIKQWTLPSTVLKAGGKAQKLANFKYLRCDVQVKIVLNANPFIAGRLYLAYSPYDDKVA
PERRIIYTSRAGVTGYPGVELDFQLDNSVEMTIPYASFQEAYDLVSGNEDFVQLYLFTIAPVLGPSAESANSKVDLSVYM
WLDNISLVIPTYRLNPNLPTGQTLTRIVQNSDSDKLKEALKIAKSKNPSGYKYIMGVLEQYNPSVKQVSMQ
;
B
#
# COMPACT_ATOMS: atom_id res chain seq x y z
N PRO A 12 -11.83 33.36 -11.25
CA PRO A 12 -12.79 32.78 -10.32
C PRO A 12 -13.59 33.84 -9.58
N THR A 13 -14.82 33.52 -9.22
CA THR A 13 -15.76 34.49 -8.65
C THR A 13 -15.71 34.40 -7.13
N SER A 14 -15.05 35.38 -6.52
CA SER A 14 -14.85 35.49 -5.09
C SER A 14 -15.50 36.80 -4.67
N GLU A 15 -15.75 36.94 -3.37
CA GLU A 15 -15.87 38.26 -2.78
C GLU A 15 -14.70 38.63 -1.88
N ASN A 16 -13.64 37.84 -1.89
CA ASN A 16 -12.53 38.30 -1.08
C ASN A 16 -11.50 38.94 -2.01
N PRO A 17 -10.83 40.02 -1.65
CA PRO A 17 -9.75 40.52 -2.51
C PRO A 17 -8.64 39.52 -2.73
N LYS A 18 -8.55 38.47 -1.92
CA LYS A 18 -7.59 37.40 -2.14
C LYS A 18 -8.42 36.18 -2.52
N ILE A 19 -8.25 35.68 -3.74
CA ILE A 19 -9.21 34.68 -4.21
C ILE A 19 -9.09 33.42 -3.37
N GLY A 20 -7.86 33.01 -3.09
CA GLY A 20 -7.58 31.85 -2.28
C GLY A 20 -6.39 32.03 -1.37
N PRO A 21 -6.08 31.00 -0.60
CA PRO A 21 -5.15 31.14 0.52
C PRO A 21 -3.68 31.21 0.07
N ILE A 22 -3.37 30.44 -0.97
CA ILE A 22 -2.02 30.27 -1.49
C ILE A 22 -1.98 30.61 -2.96
N SER A 23 -0.75 30.76 -3.46
CA SER A 23 -0.52 30.92 -4.88
C SER A 23 -0.48 29.56 -5.55
N GLU A 24 -1.31 29.40 -6.57
CA GLU A 24 -1.45 28.12 -7.25
C GLU A 24 -0.37 27.99 -8.31
N VAL A 25 0.35 26.87 -8.28
CA VAL A 25 1.38 26.60 -9.30
C VAL A 25 0.78 25.57 -10.27
N ALA A 26 0.90 25.80 -11.58
CA ALA A 26 0.34 24.89 -12.56
C ALA A 26 1.12 23.58 -12.59
N SER A 27 0.57 22.62 -13.35
CA SER A 27 1.03 21.25 -13.33
C SER A 27 1.53 20.74 -14.68
N GLY A 28 0.70 20.65 -15.71
CA GLY A 28 1.09 19.92 -16.90
C GLY A 28 0.77 18.44 -16.84
N VAL A 29 -0.33 18.10 -16.15
CA VAL A 29 -0.84 16.69 -16.17
C VAL A 29 -2.10 16.73 -17.04
N LYS A 30 -2.55 15.59 -17.58
CA LYS A 30 -3.69 15.56 -18.54
C LYS A 30 -4.62 14.35 -18.29
N THR A 31 -5.22 14.20 -17.10
CA THR A 31 -6.02 13.09 -16.67
C THR A 31 -6.97 13.60 -15.61
N ALA A 32 -8.22 13.14 -15.63
CA ALA A 32 -9.05 13.40 -14.47
C ALA A 32 -8.31 12.92 -13.23
N ALA A 33 -8.31 13.74 -12.18
CA ALA A 33 -7.54 13.47 -10.97
C ALA A 33 -8.15 12.41 -10.08
N ASN A 34 -9.42 12.07 -10.30
CA ASN A 34 -10.11 11.02 -9.55
C ASN A 34 -10.27 9.75 -10.37
N GLY A 35 -9.57 9.66 -11.49
CA GLY A 35 -9.75 8.56 -12.40
C GLY A 35 -8.77 7.43 -12.15
N ILE A 36 -9.10 6.28 -12.75
CA ILE A 36 -8.32 5.07 -12.53
C ILE A 36 -7.07 5.05 -13.38
N GLU A 37 -6.99 5.91 -14.39
CA GLU A 37 -5.83 5.93 -15.27
C GLU A 37 -4.59 6.36 -14.48
N ARG A 38 -3.49 5.64 -14.71
CA ARG A 38 -2.25 5.90 -14.00
C ARG A 38 -1.66 7.23 -14.44
N ILE A 39 -1.37 8.09 -13.48
CA ILE A 39 -0.89 9.44 -13.77
C ILE A 39 0.49 9.64 -13.16
N PRO A 40 1.42 10.30 -13.84
CA PRO A 40 2.76 10.47 -13.26
C PRO A 40 2.74 11.47 -12.13
N VAL A 41 3.65 11.25 -11.18
CA VAL A 41 3.80 12.17 -10.05
C VAL A 41 4.76 13.31 -10.35
N LEU A 42 5.59 13.20 -11.37
CA LEU A 42 6.52 14.26 -11.70
C LEU A 42 5.87 15.41 -12.44
N GLY A 43 4.74 15.15 -13.11
CA GLY A 43 3.96 16.21 -13.73
C GLY A 43 3.08 16.97 -12.77
N GLU A 44 2.76 16.39 -11.62
CA GLU A 44 1.87 17.05 -10.67
C GLU A 44 2.53 18.18 -9.90
N ILE A 45 3.77 17.98 -9.43
CA ILE A 45 4.70 19.05 -9.16
C ILE A 45 5.96 18.85 -9.98
N ALA A 46 6.50 19.95 -10.50
CA ALA A 46 7.78 19.91 -11.19
C ALA A 46 8.78 20.66 -10.31
N LYS A 47 9.74 19.91 -9.78
CA LYS A 47 10.77 20.46 -8.89
C LYS A 47 12.07 19.73 -9.21
N PRO A 48 12.59 19.93 -10.40
CA PRO A 48 13.88 19.34 -10.76
C PRO A 48 15.02 19.96 -9.98
N VAL A 49 16.23 19.47 -10.22
CA VAL A 49 17.43 20.04 -9.60
C VAL A 49 17.83 21.21 -10.50
N THR A 50 17.19 22.34 -10.24
CA THR A 50 17.35 23.54 -11.04
C THR A 50 17.03 24.73 -10.13
N ALA A 51 16.89 25.90 -10.73
CA ALA A 51 16.49 27.09 -10.01
C ALA A 51 14.99 27.15 -9.75
N ALA A 52 14.29 26.03 -9.91
CA ALA A 52 12.88 25.98 -9.52
C ALA A 52 12.73 26.02 -8.00
N VAL A 53 13.60 25.33 -7.28
CA VAL A 53 13.60 25.44 -5.82
C VAL A 53 14.34 26.69 -5.42
N LYS A 54 13.91 27.31 -4.32
CA LYS A 54 14.42 28.61 -3.95
C LYS A 54 15.90 28.53 -3.56
N TRP A 55 16.24 27.65 -2.63
CA TRP A 55 17.61 27.61 -2.11
C TRP A 55 18.62 27.24 -3.18
N PHE A 56 18.29 26.28 -4.04
CA PHE A 56 19.22 25.92 -5.11
C PHE A 56 19.39 27.07 -6.08
N ALA A 57 18.30 27.78 -6.38
CA ALA A 57 18.40 29.00 -7.17
C ALA A 57 19.33 30.01 -6.52
N ASP A 58 19.22 30.17 -5.20
CA ASP A 58 20.11 31.07 -4.47
C ASP A 58 21.57 30.67 -4.60
N ILE A 59 21.83 29.37 -4.63
CA ILE A 59 23.20 28.89 -4.77
C ILE A 59 23.73 29.08 -6.19
N VAL A 60 22.92 28.73 -7.20
CA VAL A 60 23.34 28.88 -8.58
C VAL A 60 23.50 30.34 -8.96
N GLY A 61 22.74 31.23 -8.32
CA GLY A 61 22.91 32.65 -8.50
C GLY A 61 23.90 33.26 -7.56
N GLY A 62 24.44 32.47 -6.65
CA GLY A 62 25.38 32.95 -5.66
C GLY A 62 24.93 34.18 -4.93
N VAL A 63 23.71 34.17 -4.38
CA VAL A 63 23.22 35.37 -3.73
C VAL A 63 24.02 35.62 -2.47
N ALA A 64 23.90 36.84 -1.97
CA ALA A 64 24.75 37.28 -0.85
C ALA A 64 24.33 36.66 0.46
N ALA A 65 23.12 36.12 0.55
CA ALA A 65 22.63 35.60 1.82
C ALA A 65 23.29 34.27 2.17
N ILE A 66 23.57 33.44 1.16
CA ILE A 66 24.20 32.16 1.42
C ILE A 66 25.62 32.32 1.93
N PHE A 67 26.15 33.54 1.91
CA PHE A 67 27.43 33.85 2.49
C PHE A 67 27.31 34.63 3.79
N GLY A 68 26.10 34.87 4.27
CA GLY A 68 25.88 35.56 5.51
C GLY A 68 25.70 37.05 5.41
N TRP A 69 25.48 37.58 4.21
CA TRP A 69 25.36 39.01 4.03
C TRP A 69 23.92 39.38 3.68
N ILE B 1 -18.53 -26.66 -31.19
CA ILE B 1 -17.91 -25.87 -30.09
C ILE B 1 -16.50 -26.38 -29.84
N ASN B 2 -15.58 -25.45 -29.62
CA ASN B 2 -14.20 -25.79 -29.34
C ASN B 2 -14.02 -26.01 -27.85
N LEU B 3 -13.40 -27.14 -27.51
CA LEU B 3 -12.98 -27.39 -26.13
C LEU B 3 -11.91 -26.38 -25.75
N SER B 4 -12.26 -25.45 -24.88
CA SER B 4 -11.39 -24.34 -24.55
C SER B 4 -11.88 -23.71 -23.25
N ASN B 5 -10.93 -23.25 -22.46
CA ASN B 5 -11.20 -22.35 -21.34
C ASN B 5 -10.42 -21.06 -21.58
N LYS B 6 -11.14 -20.01 -21.98
CA LYS B 6 -10.51 -18.78 -22.40
C LYS B 6 -11.15 -17.59 -21.70
N THR B 7 -10.56 -16.42 -21.92
CA THR B 7 -11.11 -15.15 -21.46
C THR B 7 -11.28 -14.25 -22.68
N ASP B 8 -12.50 -13.81 -22.91
CA ASP B 8 -12.80 -12.87 -23.97
C ASP B 8 -12.76 -11.42 -23.50
N GLU B 9 -12.63 -11.19 -22.19
CA GLU B 9 -12.51 -9.86 -21.62
C GLU B 9 -13.70 -8.98 -22.00
N ASN B 10 -14.88 -9.49 -21.66
CA ASN B 10 -16.12 -8.79 -21.94
C ASN B 10 -16.49 -7.91 -20.75
N THR B 11 -16.91 -6.69 -21.06
CA THR B 11 -17.27 -5.71 -20.06
C THR B 11 -18.64 -5.15 -20.40
N ILE B 12 -19.49 -5.02 -19.38
CA ILE B 12 -20.82 -4.47 -19.54
C ILE B 12 -21.04 -3.42 -18.47
N SER B 13 -21.55 -2.26 -18.87
CA SER B 13 -21.99 -1.22 -17.95
C SER B 13 -23.47 -1.02 -18.14
N PHE B 14 -24.21 -0.99 -17.03
CA PHE B 14 -25.66 -0.93 -17.04
C PHE B 14 -26.17 0.51 -17.20
N PHE B 15 -27.48 0.60 -17.42
CA PHE B 15 -28.36 1.74 -17.11
C PHE B 15 -28.47 2.87 -18.13
N ASP B 16 -27.75 2.86 -19.24
CA ASP B 16 -27.89 3.92 -20.24
C ASP B 16 -27.73 5.29 -19.59
N SER B 17 -26.74 5.42 -18.74
CA SER B 17 -26.57 6.59 -17.89
C SER B 17 -25.69 7.65 -18.57
N GLY B 18 -25.77 8.86 -18.03
CA GLY B 18 -24.98 9.96 -18.50
C GLY B 18 -23.53 9.86 -18.07
N ASP B 19 -22.82 10.96 -18.26
CA ASP B 19 -21.39 11.00 -17.99
C ASP B 19 -21.16 11.05 -16.49
N PRO B 20 -20.40 10.11 -15.91
CA PRO B 20 -20.22 10.15 -14.45
C PRO B 20 -19.48 11.37 -13.95
N GLU B 21 -18.55 11.91 -14.75
CA GLU B 21 -17.81 13.10 -14.33
C GLU B 21 -18.74 14.29 -14.19
N ARG B 22 -19.60 14.51 -15.18
CA ARG B 22 -20.51 15.66 -15.14
C ARG B 22 -21.50 15.54 -13.99
N MET B 23 -22.06 14.34 -13.79
CA MET B 23 -23.04 14.15 -12.73
C MET B 23 -22.40 14.25 -11.35
N ASN B 24 -21.21 13.69 -11.20
CA ASN B 24 -20.47 13.83 -9.96
C ASN B 24 -20.19 15.29 -9.64
N ASN B 25 -19.76 16.06 -10.64
CA ASN B 25 -19.55 17.48 -10.43
C ASN B 25 -20.82 18.18 -10.03
N GLU B 26 -21.91 17.95 -10.77
CA GLU B 26 -23.19 18.53 -10.41
C GLU B 26 -23.55 18.22 -8.96
N ALA B 27 -23.26 17.01 -8.52
CA ALA B 27 -23.57 16.62 -7.15
C ALA B 27 -22.70 17.35 -6.14
N LEU B 28 -21.41 17.49 -6.42
CA LEU B 28 -20.52 18.14 -5.49
C LEU B 28 -20.81 19.64 -5.39
N MET B 29 -21.31 20.24 -6.46
CA MET B 29 -21.71 21.63 -6.44
C MET B 29 -23.02 21.86 -5.71
N ARG B 30 -23.62 20.80 -5.16
CA ARG B 30 -24.87 20.91 -4.41
C ARG B 30 -24.80 20.31 -3.02
N GLY B 31 -23.88 19.39 -2.75
CA GLY B 31 -23.86 18.70 -1.48
C GLY B 31 -22.53 18.61 -0.79
N CYS B 32 -21.42 18.92 -1.48
CA CYS B 32 -20.11 18.93 -0.85
C CYS B 32 -19.46 20.31 -0.88
N GLY B 33 -19.31 20.91 -2.05
CA GLY B 33 -18.52 22.11 -2.18
C GLY B 33 -17.03 21.91 -2.37
N GLU B 34 -16.59 20.69 -2.61
CA GLU B 34 -15.17 20.41 -2.82
C GLU B 34 -15.07 19.03 -3.43
N GLN B 35 -13.88 18.70 -3.93
CA GLN B 35 -13.65 17.43 -4.59
C GLN B 35 -12.26 16.95 -4.19
N ILE B 36 -12.21 15.94 -3.33
CA ILE B 36 -10.96 15.32 -2.92
C ILE B 36 -10.54 14.32 -3.99
N VAL B 37 -9.36 14.52 -4.56
CA VAL B 37 -8.86 13.68 -5.63
C VAL B 37 -7.59 12.93 -5.25
N ASN B 38 -7.03 13.20 -4.08
CA ASN B 38 -5.76 12.59 -3.68
C ASN B 38 -5.69 12.59 -2.16
N LEU B 39 -4.88 11.68 -1.63
CA LEU B 39 -4.79 11.47 -0.20
C LEU B 39 -3.63 12.20 0.47
N ARG B 40 -2.73 12.81 -0.29
CA ARG B 40 -1.71 13.66 0.30
C ARG B 40 -2.33 14.90 0.96
N PRO B 41 -3.29 15.55 0.33
CA PRO B 41 -4.03 16.60 1.04
C PRO B 41 -4.46 16.20 2.43
N LEU B 42 -4.79 14.93 2.64
CA LEU B 42 -5.12 14.45 3.97
C LEU B 42 -3.89 14.31 4.85
N LEU B 43 -2.71 14.20 4.25
CA LEU B 43 -1.46 14.27 4.98
C LEU B 43 -1.05 15.69 5.28
N ARG B 44 -1.71 16.66 4.66
CA ARG B 44 -1.49 18.07 4.96
C ARG B 44 -2.42 18.57 6.05
N THR B 45 -3.65 18.07 6.09
CA THR B 45 -4.54 18.36 7.20
C THR B 45 -3.93 17.93 8.52
N PHE B 46 -4.32 18.62 9.59
CA PHE B 46 -3.89 18.28 10.94
C PHE B 46 -5.00 17.54 11.65
N ARG B 47 -4.66 16.39 12.24
CA ARG B 47 -5.60 15.57 12.96
C ARG B 47 -4.97 15.12 14.27
N THR B 48 -5.81 14.94 15.28
CA THR B 48 -5.33 14.61 16.61
C THR B 48 -4.95 13.14 16.70
N ILE B 49 -3.81 12.90 17.35
CA ILE B 49 -3.40 11.55 17.72
C ILE B 49 -3.56 11.29 19.21
N ASN B 50 -3.63 12.33 20.03
CA ASN B 50 -3.92 12.23 21.44
C ASN B 50 -4.56 13.55 21.84
N ASP B 51 -5.74 13.51 22.41
CA ASP B 51 -6.38 14.74 22.87
C ASP B 51 -6.04 15.05 24.31
N ASN B 52 -5.22 14.23 24.95
CA ASN B 52 -4.55 14.64 26.18
C ASN B 52 -3.28 13.81 26.34
N TRP B 53 -2.13 14.48 26.23
CA TRP B 53 -0.80 13.91 26.42
C TRP B 53 -0.14 14.64 27.59
N SER B 54 -0.22 14.05 28.77
CA SER B 54 0.38 14.65 29.95
C SER B 54 1.88 14.41 29.96
N LEU B 55 2.60 15.38 30.51
CA LEU B 55 4.04 15.34 30.59
C LEU B 55 4.50 15.72 31.99
N ALA B 56 5.74 15.38 32.29
CA ALA B 56 6.37 15.73 33.55
C ALA B 56 7.23 16.97 33.34
N ALA B 57 7.47 17.66 34.45
CA ALA B 57 8.24 18.89 34.41
C ALA B 57 9.72 18.59 34.24
N ASN B 58 10.40 19.50 33.56
CA ASN B 58 11.83 19.40 33.28
C ASN B 58 12.18 18.02 32.75
N THR B 59 11.45 17.61 31.72
CA THR B 59 11.65 16.30 31.10
C THR B 59 11.63 16.48 29.60
N LYS B 60 12.70 16.06 28.94
CA LYS B 60 12.78 16.08 27.48
C LYS B 60 12.15 14.80 26.96
N THR B 61 11.00 14.93 26.33
CA THR B 61 10.21 13.79 25.91
C THR B 61 10.24 13.64 24.40
N PRO B 62 10.90 12.61 23.85
CA PRO B 62 10.79 12.36 22.42
C PRO B 62 9.37 11.99 22.03
N ILE B 63 8.91 12.55 20.92
CA ILE B 63 7.52 12.32 20.50
C ILE B 63 7.33 10.95 19.90
N THR B 64 8.41 10.20 19.68
CA THR B 64 8.25 8.79 19.33
C THR B 64 7.47 8.06 20.40
N ASP B 65 7.68 8.44 21.67
CA ASP B 65 6.92 7.94 22.80
C ASP B 65 5.43 7.82 22.47
N LEU B 66 4.93 8.79 21.72
CA LEU B 66 3.52 8.87 21.36
C LEU B 66 3.23 8.36 19.96
N THR B 67 4.10 8.63 19.00
CA THR B 67 3.81 8.24 17.63
C THR B 67 3.97 6.75 17.39
N ASN B 68 4.83 6.07 18.16
CA ASN B 68 4.90 4.61 18.06
C ASN B 68 3.57 3.99 18.45
N THR B 69 2.91 4.57 19.45
CA THR B 69 1.56 4.15 19.82
C THR B 69 0.55 4.52 18.74
N ALA B 70 0.62 5.76 18.25
CA ALA B 70 -0.42 6.26 17.35
C ALA B 70 -0.39 5.55 16.00
N ASP B 71 0.81 5.26 15.48
CA ASP B 71 0.92 4.71 14.13
C ASP B 71 0.21 3.38 14.01
N ALA B 72 0.12 2.62 15.10
CA ALA B 72 -0.54 1.32 15.05
C ALA B 72 -2.05 1.42 15.16
N GLU B 73 -2.57 2.51 15.72
CA GLU B 73 -4.00 2.60 15.98
C GLU B 73 -4.80 2.77 14.69
N GLY B 74 -4.34 3.66 13.81
CA GLY B 74 -5.09 3.96 12.62
C GLY B 74 -6.11 5.07 12.78
N ARG B 75 -5.89 5.99 13.71
CA ARG B 75 -6.87 7.02 14.02
C ARG B 75 -6.67 8.27 13.17
N ASP B 76 -5.42 8.67 12.94
CA ASP B 76 -5.10 9.81 12.11
C ASP B 76 -4.80 9.35 10.68
N TYR B 77 -4.73 10.33 9.78
CA TYR B 77 -4.47 10.01 8.38
C TYR B 77 -3.06 9.46 8.19
N MET B 78 -2.08 10.05 8.87
CA MET B 78 -0.70 9.60 8.73
C MET B 78 -0.51 8.18 9.20
N SER B 79 -1.47 7.61 9.92
CA SER B 79 -1.44 6.23 10.34
C SER B 79 -2.38 5.34 9.55
N TYR B 80 -3.62 5.80 9.34
CA TYR B 80 -4.56 5.01 8.55
C TYR B 80 -4.05 4.78 7.14
N LEU B 81 -3.50 5.81 6.51
CA LEU B 81 -3.00 5.70 5.15
C LEU B 81 -1.64 5.04 5.08
N SER B 82 -0.95 4.86 6.21
CA SER B 82 0.34 4.20 6.21
C SER B 82 0.22 2.69 6.08
N PHE B 83 -0.95 2.13 6.30
CA PHE B 83 -1.17 0.70 6.15
C PHE B 83 -1.38 0.29 4.70
N LEU B 84 -1.45 1.26 3.78
CA LEU B 84 -1.51 0.99 2.36
C LEU B 84 -0.16 1.04 1.69
N TYR B 85 0.88 1.48 2.39
CA TYR B 85 2.18 1.75 1.79
C TYR B 85 3.27 1.18 2.68
N ARG B 86 4.48 1.17 2.14
CA ARG B 86 5.66 0.64 2.82
C ARG B 86 6.73 1.69 3.07
N PHE B 87 6.85 2.68 2.21
CA PHE B 87 7.85 3.73 2.32
C PHE B 87 7.19 5.07 2.59
N TYR B 88 7.99 6.00 3.10
CA TYR B 88 7.57 7.39 3.22
C TYR B 88 8.78 8.29 3.09
N ARG B 89 8.52 9.56 2.80
CA ARG B 89 9.55 10.57 2.72
C ARG B 89 8.96 11.87 3.24
N GLY B 90 9.84 12.84 3.45
CA GLY B 90 9.43 14.17 3.83
C GLY B 90 9.34 14.37 5.33
N GLY B 91 9.19 15.63 5.70
CA GLY B 91 9.12 16.01 7.10
C GLY B 91 7.72 15.90 7.64
N ARG B 92 7.56 16.37 8.87
CA ARG B 92 6.32 16.23 9.60
C ARG B 92 6.06 17.49 10.42
N ARG B 93 4.80 17.73 10.70
CA ARG B 93 4.35 18.89 11.45
C ARG B 93 3.57 18.43 12.66
N TYR B 94 3.78 19.11 13.78
CA TYR B 94 3.11 18.79 15.04
C TYR B 94 2.58 20.07 15.65
N LYS B 95 1.34 20.03 16.10
CA LYS B 95 0.72 21.12 16.85
C LYS B 95 0.37 20.62 18.23
N PHE B 96 0.72 21.41 19.23
CA PHE B 96 0.49 21.07 20.64
C PHE B 96 -0.37 22.17 21.25
N PHE B 97 -1.66 21.88 21.41
CA PHE B 97 -2.58 22.81 22.05
C PHE B 97 -2.58 22.55 23.55
N ASN B 98 -2.35 23.61 24.31
CA ASN B 98 -2.23 23.49 25.76
C ASN B 98 -3.60 23.26 26.40
N THR B 99 -3.65 22.28 27.30
CA THR B 99 -4.84 21.99 28.10
C THR B 99 -4.46 21.78 29.56
N THR B 100 -3.46 22.50 30.04
CA THR B 100 -2.96 22.33 31.39
C THR B 100 -3.93 22.94 32.39
N PRO B 101 -4.51 22.16 33.30
CA PRO B 101 -5.55 22.69 34.20
C PRO B 101 -5.03 23.41 35.42
N LEU B 102 -3.78 23.19 35.81
CA LEU B 102 -3.21 23.74 37.03
C LEU B 102 -2.06 24.68 36.71
N LYS B 103 -1.81 25.62 37.62
CA LYS B 103 -0.72 26.58 37.50
C LYS B 103 0.44 26.11 38.36
N GLN B 104 1.60 25.88 37.74
CA GLN B 104 2.79 25.44 38.44
C GLN B 104 3.78 26.56 38.67
N SER B 105 4.09 27.32 37.64
CA SER B 105 5.03 28.43 37.72
C SER B 105 4.45 29.67 37.06
N GLN B 106 4.92 30.81 37.54
CA GLN B 106 4.54 32.11 37.00
C GLN B 106 4.71 32.18 35.50
N THR B 107 5.76 31.55 34.99
CA THR B 107 6.11 31.60 33.58
C THR B 107 6.24 30.18 33.07
N CYS B 108 5.26 29.75 32.29
CA CYS B 108 5.28 28.45 31.65
C CYS B 108 5.69 28.63 30.20
N TYR B 109 6.60 27.78 29.75
CA TYR B 109 7.10 27.84 28.39
C TYR B 109 7.28 26.44 27.85
N VAL B 110 7.05 26.30 26.56
CA VAL B 110 7.21 25.05 25.84
C VAL B 110 8.35 25.21 24.85
N ARG B 111 9.20 24.19 24.77
CA ARG B 111 10.36 24.23 23.91
C ARG B 111 10.52 22.91 23.18
N SER B 112 10.96 22.98 21.93
CA SER B 112 11.07 21.81 21.07
C SER B 112 12.43 21.81 20.38
N PHE B 113 13.01 20.62 20.27
CA PHE B 113 14.31 20.43 19.63
C PHE B 113 14.19 19.32 18.61
N LEU B 114 15.31 19.07 17.92
CA LEU B 114 15.43 17.95 17.00
C LEU B 114 16.02 16.75 17.72
N ILE B 115 15.81 15.58 17.14
CA ILE B 115 16.34 14.34 17.69
C ILE B 115 16.25 13.26 16.62
N PRO B 116 17.30 12.46 16.41
CA PRO B 116 17.17 11.32 15.50
C PRO B 116 16.10 10.35 15.99
N ARG B 117 15.40 9.74 15.04
CA ARG B 117 14.31 8.86 15.38
C ARG B 117 14.81 7.67 16.17
N ASN B 118 14.00 7.22 17.13
CA ASN B 118 14.27 6.05 17.95
C ASN B 118 15.42 6.26 18.90
N TYR B 119 15.92 7.48 19.03
CA TYR B 119 16.87 7.82 20.07
C TYR B 119 16.13 8.13 21.36
N THR B 120 16.90 8.20 22.45
CA THR B 120 16.41 8.64 23.74
C THR B 120 16.99 10.01 24.06
N ALA B 121 16.34 10.71 24.99
CA ALA B 121 16.77 12.04 25.34
C ALA B 121 18.15 12.05 26.00
N ASP B 122 18.54 10.93 26.61
CA ASP B 122 19.85 10.81 27.22
C ASP B 122 20.94 10.52 26.20
N GLU B 123 20.59 10.36 24.93
CA GLU B 123 21.53 10.06 23.86
C GLU B 123 21.77 11.22 22.93
N ILE B 124 21.17 12.38 23.21
CA ILE B 124 21.21 13.51 22.30
C ILE B 124 21.34 14.80 23.10
N ASN B 125 21.97 15.79 22.47
CA ASN B 125 22.15 17.10 23.05
C ASN B 125 20.94 17.98 22.79
N THR B 126 20.77 18.99 23.64
CA THR B 126 19.72 19.98 23.45
C THR B 126 20.27 21.19 22.70
N ASP B 127 20.87 20.93 21.55
CA ASP B 127 21.42 21.95 20.68
C ASP B 127 20.65 21.94 19.37
N GLY B 128 21.14 22.73 18.41
CA GLY B 128 20.52 22.81 17.13
C GLY B 128 19.32 23.73 17.14
N PRO B 129 18.58 23.75 16.04
CA PRO B 129 17.40 24.62 15.96
C PRO B 129 16.33 24.19 16.94
N SER B 130 15.71 25.18 17.56
CA SER B 130 14.67 24.99 18.56
C SER B 130 13.53 25.94 18.27
N HIS B 131 12.44 25.74 18.99
CA HIS B 131 11.30 26.65 18.95
C HIS B 131 10.68 26.71 20.33
N ILE B 132 10.42 27.92 20.80
CA ILE B 132 9.90 28.15 22.14
C ILE B 132 8.60 28.93 22.05
N THR B 133 7.61 28.52 22.84
CA THR B 133 6.33 29.20 22.93
C THR B 133 5.94 29.35 24.39
N TYR B 134 5.03 30.27 24.64
CA TYR B 134 4.50 30.53 25.97
C TYR B 134 3.01 30.27 25.98
N PRO B 135 2.56 29.15 26.57
CA PRO B 135 1.15 28.76 26.42
C PRO B 135 0.15 29.80 26.90
N VAL B 136 0.57 30.80 27.66
CA VAL B 136 -0.37 31.78 28.16
C VAL B 136 -0.68 32.84 27.11
N ILE B 137 0.32 33.20 26.31
CA ILE B 137 0.10 34.12 25.19
C ILE B 137 -0.13 33.34 23.89
N ASN B 138 0.55 32.21 23.74
CA ASN B 138 0.37 31.34 22.56
C ASN B 138 0.21 29.90 23.01
N PRO B 139 -1.03 29.43 23.19
CA PRO B 139 -1.25 28.04 23.60
C PRO B 139 -1.08 27.01 22.52
N VAL B 140 -0.51 27.36 21.36
CA VAL B 140 -0.29 26.42 20.28
C VAL B 140 1.16 26.54 19.84
N HIS B 141 1.86 25.42 19.76
CA HIS B 141 3.29 25.42 19.49
C HIS B 141 3.60 25.59 18.01
N GLU B 142 3.10 24.68 17.17
CA GLU B 142 3.27 24.77 15.72
C GLU B 142 4.74 24.67 15.29
N VAL B 143 5.38 23.58 15.69
CA VAL B 143 6.72 23.27 15.23
C VAL B 143 6.65 22.38 13.99
N GLU B 144 7.73 22.37 13.21
CA GLU B 144 7.86 21.53 12.04
C GLU B 144 9.21 20.83 12.04
N VAL B 145 9.23 19.61 11.53
CA VAL B 145 10.43 18.78 11.50
C VAL B 145 10.80 18.53 10.04
N PRO B 146 11.99 18.90 9.60
CA PRO B 146 12.41 18.61 8.22
C PRO B 146 12.83 17.16 8.05
N PHE B 147 13.02 16.79 6.79
CA PHE B 147 13.50 15.46 6.43
C PHE B 147 15.02 15.51 6.40
N TYR B 148 15.62 15.27 7.56
CA TYR B 148 17.07 15.22 7.70
C TYR B 148 17.48 13.76 7.75
N SER B 149 17.62 13.17 6.58
CA SER B 149 17.78 11.73 6.44
C SER B 149 19.07 11.38 5.72
N GLN B 150 19.56 10.17 6.01
CA GLN B 150 20.58 9.53 5.21
C GLN B 150 20.03 8.77 4.02
N TYR B 151 18.72 8.61 3.93
CA TYR B 151 18.08 7.82 2.90
C TYR B 151 16.97 8.63 2.25
N ARG B 152 16.71 8.34 0.98
CA ARG B 152 15.70 9.05 0.23
C ARG B 152 14.29 8.57 0.52
N LYS B 153 14.15 7.41 1.15
CA LYS B 153 12.86 6.88 1.54
C LYS B 153 13.05 6.12 2.84
N ILE B 154 12.11 6.29 3.76
CA ILE B 154 12.15 5.68 5.08
C ILE B 154 11.11 4.57 5.11
N PRO B 155 11.46 3.36 5.54
CA PRO B 155 10.45 2.31 5.63
C PRO B 155 9.70 2.39 6.94
N ILE B 156 8.40 2.10 6.87
CA ILE B 156 7.55 2.02 8.04
C ILE B 156 7.91 0.79 8.87
N ALA B 157 8.85 -0.01 8.38
CA ALA B 157 9.31 -1.19 9.09
C ALA B 157 10.46 -0.84 10.04
N SER B 158 10.99 -1.87 10.69
CA SER B 158 12.16 -1.73 11.54
C SER B 158 13.42 -1.83 10.69
N THR B 159 14.55 -1.44 11.28
CA THR B 159 15.82 -1.38 10.56
C THR B 159 16.95 -1.78 11.48
N SER B 160 18.09 -2.11 10.87
CA SER B 160 19.34 -2.27 11.61
C SER B 160 19.89 -0.92 12.05
N ASP B 161 19.92 0.05 11.13
CA ASP B 161 20.43 1.36 11.47
C ASP B 161 19.49 2.10 12.40
N LYS B 162 20.02 3.14 13.05
CA LYS B 162 19.25 3.95 13.97
C LYS B 162 19.73 5.38 13.87
N GLY B 163 18.82 6.31 14.13
CA GLY B 163 19.14 7.72 14.03
C GLY B 163 19.45 8.17 12.62
N TYR B 164 18.77 7.62 11.64
CA TYR B 164 19.02 7.96 10.24
C TYR B 164 18.05 9.01 9.71
N ASP B 165 17.09 9.45 10.53
CA ASP B 165 16.24 10.57 10.17
C ASP B 165 15.88 11.31 11.44
N SER B 166 15.47 12.56 11.28
CA SER B 166 15.25 13.44 12.41
C SER B 166 13.84 13.26 12.97
N SER B 167 13.68 13.71 14.22
CA SER B 167 12.41 13.67 14.90
C SER B 167 12.36 14.86 15.84
N LEU B 168 11.46 14.80 16.82
CA LEU B 168 11.19 15.94 17.70
C LEU B 168 11.41 15.57 19.15
N MET B 169 12.00 16.48 19.90
CA MET B 169 11.99 16.48 21.35
C MET B 169 11.04 17.56 21.84
N TYR B 170 10.42 17.30 23.00
CA TYR B 170 9.44 18.21 23.57
C TYR B 170 9.77 18.42 25.03
N TYR B 171 9.99 19.67 25.41
CA TYR B 171 10.37 20.05 26.76
C TYR B 171 9.36 21.04 27.32
N THR B 172 8.96 20.82 28.56
CA THR B 172 8.12 21.75 29.30
C THR B 172 8.70 21.89 30.70
N ASN B 173 8.86 23.14 31.14
CA ASN B 173 9.34 23.40 32.49
C ASN B 173 8.32 23.06 33.56
N VAL B 174 7.08 22.75 33.17
CA VAL B 174 6.01 22.42 34.10
C VAL B 174 5.22 21.26 33.51
N GLY B 175 4.44 20.61 34.36
CA GLY B 175 3.59 19.54 33.90
C GLY B 175 2.41 20.07 33.11
N THR B 176 2.46 19.86 31.80
CA THR B 176 1.45 20.37 30.89
C THR B 176 0.67 19.22 30.26
N GLN B 177 -0.55 19.50 29.85
CA GLN B 177 -1.37 18.62 29.05
C GLN B 177 -1.54 19.22 27.67
N GLN B 178 -1.63 18.36 26.65
CA GLN B 178 -1.60 18.81 25.27
C GLN B 178 -2.61 18.05 24.42
N ILE B 179 -3.26 18.77 23.51
CA ILE B 179 -3.87 18.15 22.34
C ILE B 179 -2.79 18.08 21.27
N VAL B 180 -2.44 16.87 20.85
CA VAL B 180 -1.36 16.67 19.90
C VAL B 180 -1.98 16.37 18.54
N ALA B 181 -1.87 17.31 17.62
CA ALA B 181 -2.24 17.14 16.23
C ALA B 181 -0.99 17.14 15.37
N ARG B 182 -0.95 16.26 14.37
CA ARG B 182 0.21 16.14 13.51
C ARG B 182 -0.23 16.13 12.05
N ALA B 183 0.75 16.35 11.18
CA ALA B 183 0.56 16.29 9.74
C ALA B 183 1.94 16.22 9.09
N GLY B 184 1.93 16.13 7.77
CA GLY B 184 3.15 16.17 6.99
C GLY B 184 3.39 17.55 6.40
N ASN B 185 4.65 17.85 6.15
CA ASN B 185 5.01 19.11 5.52
C ASN B 185 4.57 19.10 4.07
N ASP B 186 4.91 20.16 3.35
CA ASP B 186 4.52 20.26 1.96
C ASP B 186 5.31 19.33 1.05
N ASP B 187 6.09 18.41 1.63
CA ASP B 187 6.87 17.44 0.87
C ASP B 187 6.62 16.01 1.31
N PHE B 188 5.85 15.78 2.38
CA PHE B 188 5.60 14.44 2.87
C PHE B 188 4.70 13.66 1.93
N THR B 189 5.05 12.40 1.70
CA THR B 189 4.20 11.47 0.97
C THR B 189 4.60 10.07 1.34
N PHE B 190 3.70 9.12 1.07
CA PHE B 190 3.93 7.73 1.39
C PHE B 190 4.44 6.98 0.16
N GLY B 191 4.80 5.73 0.38
CA GLY B 191 5.55 5.00 -0.63
C GLY B 191 4.70 4.38 -1.70
N TRP B 192 4.87 3.08 -1.91
CA TRP B 192 4.20 2.40 -2.99
C TRP B 192 3.26 1.33 -2.44
N MET B 193 2.16 1.14 -3.17
CA MET B 193 0.92 0.66 -2.60
C MET B 193 0.93 -0.83 -2.35
N ILE B 194 0.25 -1.23 -1.28
CA ILE B 194 0.08 -2.63 -0.90
C ILE B 194 -1.37 -2.82 -0.47
N GLY B 195 -1.67 -4.00 0.03
CA GLY B 195 -3.02 -4.33 0.45
C GLY B 195 -3.38 -3.76 1.80
N THR B 196 -4.65 -3.82 2.07
CA THR B 196 -5.24 -3.30 3.28
C THR B 196 -5.17 -4.31 4.41
N PRO B 197 -5.18 -3.85 5.66
CA PRO B 197 -5.39 -4.76 6.80
C PRO B 197 -6.87 -4.88 7.17
N GLN B 198 -7.17 -5.65 8.20
CA GLN B 198 -8.53 -5.66 8.72
C GLN B 198 -8.80 -4.37 9.47
N LEU B 199 -10.09 -4.08 9.66
CA LEU B 199 -10.53 -2.93 10.43
C LEU B 199 -11.25 -3.41 11.68
N GLN B 200 -11.14 -2.62 12.75
CA GLN B 200 -11.73 -2.92 14.04
C GLN B 200 -12.94 -2.02 14.24
N GLY B 201 -14.10 -2.63 14.48
CA GLY B 201 -15.31 -1.87 14.65
C GLY B 201 -15.80 -1.80 16.08
N ILE B 202 -17.12 -1.90 16.25
CA ILE B 202 -17.72 -1.75 17.58
C ILE B 202 -17.43 -2.98 18.42
N THR B 203 -17.24 -2.75 19.72
CA THR B 203 -17.06 -3.81 20.70
C THR B 203 -18.23 -3.78 21.68
N LYS B 204 -18.91 -4.90 21.84
CA LYS B 204 -20.11 -5.03 22.67
C LYS B 204 -19.83 -6.08 23.72
N GLU B 205 -19.43 -5.66 24.92
CA GLU B 205 -19.27 -6.59 26.03
C GLU B 205 -20.64 -6.96 26.56
N VAL B 206 -21.03 -8.22 26.34
CA VAL B 206 -22.35 -8.72 26.70
C VAL B 206 -22.21 -9.65 27.89
N ALA B 207 -23.19 -9.62 28.78
CA ALA B 207 -23.23 -10.55 29.90
C ALA B 207 -23.70 -11.91 29.42
N ASN B 208 -22.93 -12.95 29.76
CA ASN B 208 -23.19 -14.29 29.25
C ASN B 208 -24.14 -15.07 30.16
N SER C 1 12.76 63.50 10.76
CA SER C 1 13.41 62.18 10.69
C SER C 1 12.46 61.11 11.17
N LYS C 2 11.71 61.46 12.22
CA LYS C 2 10.83 60.54 12.92
C LYS C 2 9.40 61.03 12.73
N PRO C 3 8.78 60.73 11.60
CA PRO C 3 7.41 61.18 11.37
C PRO C 3 6.41 60.45 12.23
N ARG C 4 5.16 60.88 12.16
CA ARG C 4 4.10 60.30 12.97
C ARG C 4 3.39 59.19 12.21
N ASN C 5 2.52 58.49 12.93
CA ASN C 5 1.77 57.39 12.36
C ASN C 5 0.52 57.89 11.67
N GLN C 6 0.27 57.37 10.47
CA GLN C 6 -0.97 57.63 9.75
C GLN C 6 -1.75 56.35 9.49
N ASN C 7 -1.35 55.24 10.11
CA ASN C 7 -2.04 53.98 9.97
C ASN C 7 -3.22 53.91 10.94
N GLN C 8 -4.21 53.12 10.55
CA GLN C 8 -5.42 52.97 11.34
C GLN C 8 -5.25 51.90 12.40
N VAL C 9 -6.16 51.92 13.36
CA VAL C 9 -6.23 50.88 14.39
C VAL C 9 -6.82 49.64 13.74
N MET C 10 -6.07 48.55 13.79
CA MET C 10 -6.44 47.33 13.09
C MET C 10 -7.32 46.43 13.97
N PRO C 11 -8.41 45.88 13.43
CA PRO C 11 -9.19 44.91 14.18
C PRO C 11 -8.55 43.52 14.09
N TYR C 12 -9.11 42.58 14.86
CA TYR C 12 -8.30 41.43 15.19
C TYR C 12 -9.04 40.39 16.02
N GLN C 13 -8.44 39.19 16.05
CA GLN C 13 -8.88 38.04 16.82
C GLN C 13 -7.64 37.23 17.15
N ASN C 14 -7.47 36.87 18.43
CA ASN C 14 -6.31 36.09 18.85
C ASN C 14 -6.64 34.61 18.72
N VAL C 15 -6.46 34.10 17.51
CA VAL C 15 -6.89 32.75 17.17
C VAL C 15 -5.73 31.96 16.57
N PRO C 16 -4.88 31.36 17.40
CA PRO C 16 -3.85 30.47 16.86
C PRO C 16 -4.45 29.19 16.34
N GLY C 17 -3.83 28.67 15.27
CA GLY C 17 -4.34 27.48 14.63
C GLY C 17 -5.64 27.70 13.90
N TRP C 18 -5.69 28.71 13.05
CA TRP C 18 -6.88 29.02 12.25
C TRP C 18 -6.81 28.19 10.97
N GLY C 19 -7.70 27.21 10.86
CA GLY C 19 -7.75 26.38 9.68
C GLY C 19 -6.69 25.31 9.62
N TYR C 20 -6.20 24.83 10.77
CA TYR C 20 -5.21 23.78 10.78
C TYR C 20 -5.74 22.48 10.22
N SER C 21 -7.06 22.30 10.17
CA SER C 21 -7.68 21.11 9.64
C SER C 21 -7.91 21.17 8.15
N LEU C 22 -7.56 22.28 7.50
CA LEU C 22 -7.68 22.43 6.07
C LEU C 22 -6.37 22.02 5.40
N TYR C 23 -6.48 21.53 4.17
CA TYR C 23 -5.32 21.06 3.43
C TYR C 23 -4.57 22.17 2.72
N LYS C 24 -5.18 23.34 2.59
CA LYS C 24 -4.63 24.43 1.80
C LYS C 24 -4.55 25.66 2.69
N GLY C 25 -3.40 26.29 2.72
CA GLY C 25 -3.20 27.48 3.53
C GLY C 25 -1.75 27.60 3.93
N ILE C 26 -1.42 28.79 4.42
CA ILE C 26 -0.06 29.08 4.85
C ILE C 26 0.08 28.66 6.30
N ASP C 27 0.93 27.66 6.54
CA ASP C 27 1.11 27.10 7.87
C ASP C 27 2.12 27.89 8.68
N MET C 28 1.82 28.08 9.95
CA MET C 28 2.68 28.79 10.87
C MET C 28 3.59 27.86 11.64
N SER C 29 3.88 26.68 11.09
CA SER C 29 4.74 25.70 11.73
C SER C 29 6.19 26.09 11.55
N VAL C 30 6.88 26.33 12.65
CA VAL C 30 8.28 26.76 12.60
C VAL C 30 9.14 25.58 12.17
N PRO C 31 10.04 25.75 11.20
CA PRO C 31 10.92 24.65 10.81
C PRO C 31 12.19 24.60 11.62
N LEU C 32 12.48 23.43 12.20
CA LEU C 32 13.73 23.22 12.92
C LEU C 32 14.81 22.92 11.88
N ALA C 33 15.26 23.98 11.22
CA ALA C 33 16.14 23.83 10.07
C ALA C 33 17.10 25.02 10.02
N TYR C 34 17.83 25.10 8.92
CA TYR C 34 18.76 26.19 8.62
C TYR C 34 18.15 27.22 7.70
N ASP C 35 17.51 26.79 6.62
CA ASP C 35 16.90 27.66 5.63
C ASP C 35 15.40 27.70 5.84
N PRO C 36 14.76 28.87 5.86
CA PRO C 36 13.30 28.90 5.85
C PRO C 36 12.70 28.39 4.56
N ASN C 37 13.45 28.47 3.47
CA ASN C 37 13.05 27.92 2.17
C ASN C 37 13.56 26.49 2.02
N ASN C 38 13.25 25.67 3.03
CA ASN C 38 13.57 24.26 3.02
C ASN C 38 12.53 23.50 2.20
N GLU C 39 12.94 23.02 1.04
CA GLU C 39 12.07 22.23 0.17
C GLU C 39 12.81 20.95 -0.18
N LEU C 40 12.13 19.82 -0.06
CA LEU C 40 12.60 18.61 -0.68
C LEU C 40 12.29 18.67 -2.17
N GLY C 41 13.09 17.97 -2.96
CA GLY C 41 12.88 17.97 -4.39
C GLY C 41 11.69 17.15 -4.83
N ASP C 42 11.68 16.77 -6.10
CA ASP C 42 10.62 15.94 -6.65
C ASP C 42 10.97 14.46 -6.50
N LEU C 43 9.98 13.61 -6.77
CA LEU C 43 10.16 12.17 -6.67
C LEU C 43 10.61 11.64 -8.02
N ARG C 44 11.88 11.88 -8.33
CA ARG C 44 12.43 11.46 -9.61
C ARG C 44 12.83 10.00 -9.58
N ASP C 45 13.69 9.63 -8.63
CA ASP C 45 14.11 8.25 -8.43
C ASP C 45 14.08 7.92 -6.95
N VAL C 46 12.97 8.26 -6.28
CA VAL C 46 12.79 7.99 -4.87
C VAL C 46 12.09 6.65 -4.69
N PHE C 47 10.88 6.53 -5.21
CA PHE C 47 10.12 5.31 -5.10
C PHE C 47 10.27 4.45 -6.34
N PRO C 48 9.96 3.16 -6.25
CA PRO C 48 10.11 2.29 -7.42
C PRO C 48 9.26 2.69 -8.61
N SER C 49 8.22 3.50 -8.41
CA SER C 49 7.29 3.86 -9.48
C SER C 49 7.07 5.37 -9.49
N ALA C 50 7.09 5.93 -10.69
CA ALA C 50 6.84 7.35 -10.91
C ALA C 50 5.36 7.69 -10.99
N VAL C 51 4.49 6.76 -10.63
CA VAL C 51 3.06 6.99 -10.64
C VAL C 51 2.63 7.54 -9.30
N ASP C 52 1.66 8.45 -9.31
CA ASP C 52 1.05 8.93 -8.08
C ASP C 52 0.18 7.83 -7.50
N GLU C 53 0.67 7.19 -6.44
CA GLU C 53 -0.01 6.09 -5.80
C GLU C 53 -0.91 6.54 -4.66
N MET C 54 -0.95 7.84 -4.37
CA MET C 54 -1.83 8.39 -3.37
C MET C 54 -3.13 8.92 -3.95
N ALA C 55 -3.33 8.73 -5.25
CA ALA C 55 -4.55 9.19 -5.89
C ALA C 55 -5.70 8.24 -5.60
N ILE C 56 -6.88 8.82 -5.39
CA ILE C 56 -8.03 8.02 -4.98
C ILE C 56 -8.39 7.01 -6.05
N GLY C 57 -8.14 7.33 -7.32
CA GLY C 57 -8.39 6.40 -8.40
C GLY C 57 -7.37 5.29 -8.52
N TYR C 58 -6.16 5.51 -8.00
CA TYR C 58 -5.16 4.46 -7.99
C TYR C 58 -5.37 3.49 -6.83
N VAL C 59 -5.85 4.00 -5.69
CA VAL C 59 -6.13 3.14 -4.55
C VAL C 59 -7.43 2.38 -4.76
N CYS C 60 -8.51 3.12 -5.01
CA CYS C 60 -9.81 2.51 -5.26
C CYS C 60 -9.84 1.73 -6.57
N GLY C 61 -8.81 1.83 -7.38
CA GLY C 61 -8.66 1.05 -8.60
C GLY C 61 -7.85 -0.20 -8.46
N ASN C 62 -7.38 -0.50 -7.25
CA ASN C 62 -6.70 -1.75 -6.97
C ASN C 62 -7.73 -2.78 -6.56
N PRO C 63 -8.01 -3.80 -7.37
CA PRO C 63 -9.05 -4.76 -7.01
C PRO C 63 -8.60 -5.74 -5.95
N ALA C 64 -9.59 -6.33 -5.29
CA ALA C 64 -9.38 -7.31 -4.26
C ALA C 64 -10.50 -8.32 -4.28
N ILE C 65 -10.20 -9.54 -3.85
CA ILE C 65 -11.18 -10.63 -3.85
C ILE C 65 -12.05 -10.50 -2.62
N LYS C 66 -13.35 -10.33 -2.83
CA LYS C 66 -14.33 -10.23 -1.76
C LYS C 66 -15.31 -11.38 -1.72
N HIS C 67 -15.37 -12.19 -2.78
CA HIS C 67 -16.24 -13.35 -2.84
C HIS C 67 -15.49 -14.48 -3.51
N VAL C 68 -15.53 -15.67 -2.91
CA VAL C 68 -15.10 -16.90 -3.56
C VAL C 68 -16.19 -17.92 -3.26
N LEU C 69 -17.10 -18.10 -4.20
CA LEU C 69 -18.27 -18.94 -4.01
C LEU C 69 -18.04 -20.31 -4.64
N THR C 70 -18.73 -21.30 -4.10
CA THR C 70 -18.71 -22.64 -4.65
C THR C 70 -20.01 -22.89 -5.40
N TRP C 71 -19.89 -23.24 -6.67
CA TRP C 71 -21.03 -23.56 -7.52
C TRP C 71 -21.02 -25.06 -7.79
N SER C 72 -21.93 -25.77 -7.15
CA SER C 72 -22.01 -27.21 -7.26
C SER C 72 -23.05 -27.62 -8.28
N THR C 73 -23.00 -28.89 -8.69
CA THR C 73 -23.96 -29.43 -9.63
C THR C 73 -25.35 -29.55 -9.04
N THR C 74 -25.49 -29.44 -7.73
CA THR C 74 -26.78 -29.54 -7.07
C THR C 74 -27.48 -28.21 -6.94
N ASP C 75 -26.76 -27.10 -7.03
CA ASP C 75 -27.35 -25.79 -6.89
C ASP C 75 -28.49 -25.61 -7.89
N VAL C 76 -29.58 -25.04 -7.41
CA VAL C 76 -30.83 -24.97 -8.16
C VAL C 76 -30.82 -23.71 -9.02
N VAL C 77 -31.55 -23.79 -10.13
CA VAL C 77 -31.67 -22.67 -11.05
C VAL C 77 -32.44 -21.54 -10.39
N GLN C 78 -32.05 -20.31 -10.69
CA GLN C 78 -32.69 -19.11 -10.15
C GLN C 78 -32.66 -19.11 -8.62
N ASN C 79 -31.60 -19.69 -8.04
CA ASN C 79 -31.35 -19.64 -6.62
C ASN C 79 -29.94 -19.11 -6.42
N PRO C 80 -29.73 -18.12 -5.55
CA PRO C 80 -28.38 -17.57 -5.38
C PRO C 80 -27.41 -18.64 -4.92
N ILE C 81 -26.18 -18.55 -5.42
CA ILE C 81 -25.12 -19.47 -5.05
C ILE C 81 -24.63 -19.04 -3.67
N SER C 82 -25.12 -19.71 -2.63
CA SER C 82 -24.84 -19.32 -1.26
C SER C 82 -23.62 -20.04 -0.69
N ASN C 83 -23.20 -21.12 -1.33
CA ASN C 83 -22.14 -21.96 -0.78
C ASN C 83 -20.80 -21.25 -0.83
N GLY C 84 -20.02 -21.41 0.24
CA GLY C 84 -18.64 -21.00 0.21
C GLY C 84 -18.26 -19.81 1.06
N ASP C 85 -19.07 -18.75 1.08
CA ASP C 85 -18.64 -17.51 1.71
C ASP C 85 -19.80 -16.86 2.44
N ASP C 86 -19.50 -15.78 3.16
CA ASP C 86 -20.42 -15.18 4.13
C ASP C 86 -21.54 -14.35 3.50
N TRP C 87 -21.37 -13.85 2.30
CA TRP C 87 -22.47 -13.18 1.59
C TRP C 87 -22.72 -13.88 0.27
N GLY C 88 -23.11 -15.15 0.36
CA GLY C 88 -23.18 -15.99 -0.82
C GLY C 88 -24.20 -15.55 -1.85
N GLY C 89 -23.71 -15.20 -3.03
CA GLY C 89 -24.53 -14.81 -4.16
C GLY C 89 -24.85 -13.34 -4.22
N VAL C 90 -25.05 -12.73 -3.06
CA VAL C 90 -25.45 -11.32 -2.98
C VAL C 90 -24.19 -10.47 -2.88
N ILE C 91 -24.06 -9.52 -3.79
CA ILE C 91 -22.95 -8.58 -3.82
C ILE C 91 -23.50 -7.18 -3.59
N PRO C 92 -23.45 -6.67 -2.37
CA PRO C 92 -23.87 -5.29 -2.14
C PRO C 92 -23.02 -4.31 -2.95
N VAL C 93 -23.69 -3.47 -3.73
CA VAL C 93 -23.05 -2.61 -4.70
C VAL C 93 -22.71 -1.30 -4.00
N GLY C 94 -21.45 -1.12 -3.67
CA GLY C 94 -21.01 0.09 -3.01
C GLY C 94 -19.56 0.00 -2.62
N MET C 95 -19.02 1.16 -2.27
CA MET C 95 -17.64 1.30 -1.81
C MET C 95 -17.48 0.77 -0.40
N PRO C 96 -18.42 1.01 0.51
CA PRO C 96 -18.23 0.60 1.90
C PRO C 96 -18.07 -0.90 2.02
N CYS C 97 -17.75 -1.33 3.24
CA CYS C 97 -17.62 -2.74 3.55
C CYS C 97 -18.96 -3.29 4.01
N TYR C 98 -19.36 -4.40 3.42
CA TYR C 98 -20.59 -5.11 3.75
C TYR C 98 -20.37 -6.34 4.61
N SER C 99 -19.11 -6.76 4.79
CA SER C 99 -18.79 -8.02 5.43
C SER C 99 -18.07 -7.76 6.75
N LYS C 100 -18.47 -8.50 7.78
CA LYS C 100 -17.76 -8.49 9.05
C LYS C 100 -17.98 -9.80 9.77
N THR C 101 -17.03 -10.12 10.64
CA THR C 101 -17.13 -11.28 11.52
C THR C 101 -16.92 -10.80 12.95
N ILE C 102 -17.48 -11.53 13.90
CA ILE C 102 -17.41 -11.18 15.31
C ILE C 102 -16.37 -12.06 15.97
N ARG C 103 -15.36 -11.44 16.56
CA ARG C 103 -14.38 -12.12 17.39
C ARG C 103 -14.84 -12.07 18.84
N ALA C 104 -15.14 -13.24 19.41
CA ALA C 104 -15.61 -13.35 20.78
C ALA C 104 -14.50 -13.90 21.66
N VAL C 105 -14.37 -13.32 22.86
CA VAL C 105 -13.42 -13.82 23.85
C VAL C 105 -14.14 -13.86 25.18
N LYS C 106 -14.09 -15.01 25.84
CA LYS C 106 -14.79 -15.21 27.09
C LYS C 106 -13.86 -15.17 28.29
N GLY C 107 -14.40 -14.78 29.43
CA GLY C 107 -13.63 -14.67 30.65
C GLY C 107 -14.44 -14.14 31.82
N SER C 110 -17.76 -13.00 31.12
CA SER C 110 -18.52 -12.36 30.04
C SER C 110 -17.74 -12.39 28.74
N THR C 111 -18.39 -11.91 27.67
CA THR C 111 -17.81 -11.92 26.33
C THR C 111 -17.78 -10.50 25.79
N SER C 112 -16.76 -10.21 24.99
CA SER C 112 -16.52 -8.85 24.51
C SER C 112 -17.09 -8.59 23.12
N LYS C 113 -17.04 -9.58 22.21
CA LYS C 113 -17.71 -9.50 20.92
C LYS C 113 -17.20 -8.32 20.10
N THR C 114 -15.94 -8.42 19.70
CA THR C 114 -15.33 -7.47 18.78
C THR C 114 -15.62 -7.87 17.34
N GLU C 115 -15.95 -6.88 16.51
CA GLU C 115 -16.31 -7.10 15.12
C GLU C 115 -15.19 -6.64 14.20
N VAL C 116 -14.89 -7.46 13.20
CA VAL C 116 -13.77 -7.25 12.30
C VAL C 116 -14.30 -7.23 10.88
N MET C 117 -13.71 -6.39 10.04
CA MET C 117 -14.16 -6.17 8.67
C MET C 117 -13.10 -6.63 7.68
N ASP C 118 -13.52 -6.74 6.41
CA ASP C 118 -12.71 -7.26 5.33
C ASP C 118 -12.61 -6.24 4.20
N PRO C 119 -11.91 -5.13 4.42
CA PRO C 119 -11.93 -4.06 3.42
C PRO C 119 -11.06 -4.35 2.21
N ALA C 120 -11.56 -3.98 1.04
CA ALA C 120 -10.75 -3.81 -0.14
C ALA C 120 -10.22 -2.40 -0.18
N PRO C 121 -9.22 -2.13 -1.03
CA PRO C 121 -8.65 -0.77 -1.06
C PRO C 121 -9.67 0.32 -1.34
N CYS C 122 -10.79 0.00 -1.98
CA CYS C 122 -11.86 0.96 -2.17
C CYS C 122 -12.66 1.17 -0.89
N GLU C 123 -12.79 0.13 -0.07
CA GLU C 123 -13.54 0.20 1.17
C GLU C 123 -12.71 0.80 2.30
N TYR C 124 -11.39 0.72 2.20
CA TYR C 124 -10.51 1.36 3.17
C TYR C 124 -10.59 2.88 3.06
N VAL C 125 -10.71 3.38 1.84
CA VAL C 125 -10.75 4.83 1.60
C VAL C 125 -12.10 5.39 2.00
N ALA C 126 -13.18 4.73 1.57
CA ALA C 126 -14.52 5.21 1.89
C ALA C 126 -14.72 5.36 3.39
N ASN C 127 -14.09 4.51 4.20
CA ASN C 127 -14.27 4.57 5.64
C ASN C 127 -13.74 5.85 6.24
N LEU C 128 -12.87 6.57 5.53
CA LEU C 128 -12.33 7.82 6.00
C LEU C 128 -13.27 9.00 5.79
N PHE C 129 -14.38 8.78 5.08
CA PHE C 129 -15.29 9.83 4.69
C PHE C 129 -16.71 9.43 5.10
N SER C 130 -17.63 10.38 4.99
CA SER C 130 -19.00 10.16 5.41
C SER C 130 -19.88 9.66 4.28
N TYR C 131 -19.83 10.31 3.13
CA TYR C 131 -20.67 9.99 2.00
C TYR C 131 -19.80 9.70 0.78
N TRP C 132 -20.30 8.82 -0.08
CA TRP C 132 -19.57 8.36 -1.25
C TRP C 132 -20.47 8.37 -2.47
N ARG C 133 -19.83 8.45 -3.62
CA ARG C 133 -20.50 8.32 -4.91
C ARG C 133 -19.47 7.81 -5.91
N ALA C 134 -19.79 6.71 -6.58
CA ALA C 134 -18.80 6.06 -7.42
C ALA C 134 -19.49 5.06 -8.35
N THR C 135 -18.73 4.58 -9.30
CA THR C 135 -19.15 3.52 -10.21
C THR C 135 -18.43 2.24 -9.81
N MET C 136 -19.19 1.22 -9.47
CA MET C 136 -18.66 0.01 -8.88
C MET C 136 -18.45 -1.04 -9.96
N CYS C 137 -17.26 -1.64 -9.98
CA CYS C 137 -16.85 -2.55 -11.03
C CYS C 137 -16.49 -3.89 -10.43
N TYR C 138 -16.95 -4.96 -11.06
CA TYR C 138 -16.84 -6.31 -10.53
C TYR C 138 -16.43 -7.26 -11.63
N ARG C 139 -15.25 -7.88 -11.46
CA ARG C 139 -14.80 -8.95 -12.35
C ARG C 139 -15.19 -10.27 -11.71
N ILE C 140 -16.12 -10.99 -12.33
CA ILE C 140 -16.66 -12.22 -11.76
C ILE C 140 -16.02 -13.36 -12.55
N THR C 141 -14.93 -13.90 -12.01
CA THR C 141 -14.20 -14.97 -12.66
C THR C 141 -14.65 -16.32 -12.11
N VAL C 142 -14.65 -17.32 -12.98
CA VAL C 142 -15.01 -18.68 -12.61
C VAL C 142 -13.79 -19.57 -12.82
N VAL C 143 -13.48 -20.37 -11.81
CA VAL C 143 -12.37 -21.31 -11.86
C VAL C 143 -12.93 -22.66 -12.28
N LYS C 144 -12.62 -23.08 -13.50
CA LYS C 144 -13.24 -24.24 -14.10
C LYS C 144 -12.28 -24.83 -15.12
N THR C 145 -12.79 -25.72 -15.96
CA THR C 145 -12.03 -26.36 -17.02
C THR C 145 -12.80 -26.23 -18.33
N ALA C 146 -12.24 -26.79 -19.38
CA ALA C 146 -12.90 -26.86 -20.67
C ALA C 146 -14.09 -27.80 -20.69
N PHE C 147 -14.38 -28.47 -19.59
CA PHE C 147 -15.44 -29.47 -19.53
C PHE C 147 -16.57 -29.11 -18.59
N HIS C 148 -16.42 -28.04 -17.81
CA HIS C 148 -17.54 -27.45 -17.10
C HIS C 148 -18.30 -26.52 -18.02
N THR C 149 -19.62 -26.62 -18.00
CA THR C 149 -20.47 -25.70 -18.73
C THR C 149 -21.62 -25.28 -17.83
N GLY C 150 -22.21 -24.14 -18.15
CA GLY C 150 -23.33 -23.62 -17.40
C GLY C 150 -23.54 -22.15 -17.69
N ARG C 151 -24.75 -21.70 -17.42
CA ARG C 151 -25.10 -20.30 -17.55
C ARG C 151 -25.24 -19.68 -16.17
N LEU C 152 -24.96 -18.39 -16.09
CA LEU C 152 -24.90 -17.67 -14.83
C LEU C 152 -25.59 -16.33 -15.01
N GLU C 153 -26.54 -16.05 -14.12
CA GLU C 153 -27.33 -14.82 -14.16
C GLU C 153 -26.82 -13.87 -13.09
N ILE C 154 -26.40 -12.68 -13.51
CA ILE C 154 -25.86 -11.66 -12.63
C ILE C 154 -26.70 -10.41 -12.86
N PHE C 155 -27.70 -10.22 -12.02
CA PHE C 155 -28.65 -9.13 -12.19
C PHE C 155 -28.54 -8.15 -11.04
N PHE C 156 -28.83 -6.89 -11.35
CA PHE C 156 -28.77 -5.81 -10.38
C PHE C 156 -30.17 -5.46 -9.90
N GLU C 157 -30.34 -5.41 -8.59
CA GLU C 157 -31.59 -4.99 -7.98
C GLU C 157 -31.33 -3.75 -7.13
N PRO C 158 -32.00 -2.63 -7.37
CA PRO C 158 -31.76 -1.43 -6.56
C PRO C 158 -32.48 -1.49 -5.22
N GLY C 159 -31.96 -0.68 -4.30
CA GLY C 159 -32.60 -0.50 -3.02
C GLY C 159 -32.06 -1.38 -1.92
N SER C 160 -32.92 -1.72 -0.97
CA SER C 160 -32.50 -2.49 0.19
C SER C 160 -32.22 -3.93 -0.20
N ILE C 161 -31.40 -4.59 0.60
CA ILE C 161 -31.06 -5.99 0.40
C ILE C 161 -31.91 -6.80 1.36
N PRO C 162 -32.43 -7.96 0.96
CA PRO C 162 -33.12 -8.83 1.92
C PRO C 162 -32.12 -9.41 2.92
N THR C 163 -32.29 -9.05 4.20
CA THR C 163 -31.31 -9.34 5.23
C THR C 163 -31.94 -10.21 6.31
N VAL C 164 -31.17 -11.20 6.77
CA VAL C 164 -31.44 -11.88 8.03
C VAL C 164 -30.63 -11.17 9.11
N ARG C 165 -31.33 -10.51 10.03
CA ARG C 165 -30.70 -9.65 11.01
C ARG C 165 -30.36 -10.43 12.28
N THR C 166 -29.10 -10.37 12.68
CA THR C 166 -28.59 -11.04 13.86
C THR C 166 -28.24 -10.00 14.92
N ALA C 167 -28.11 -10.47 16.16
CA ALA C 167 -27.84 -9.58 17.28
C ALA C 167 -26.52 -8.84 17.11
N ASP C 168 -25.57 -9.41 16.38
CA ASP C 168 -24.26 -8.81 16.23
C ASP C 168 -23.82 -8.61 14.78
N ASN C 169 -24.51 -9.20 13.80
CA ASN C 169 -24.09 -9.11 12.42
C ASN C 169 -25.33 -8.94 11.55
N LEU C 170 -25.14 -9.09 10.25
CA LEU C 170 -26.18 -8.83 9.27
C LEU C 170 -25.81 -9.55 7.99
N GLY C 171 -26.73 -10.36 7.48
CA GLY C 171 -26.48 -11.16 6.30
C GLY C 171 -27.68 -11.24 5.40
N PRO C 172 -27.53 -11.90 4.26
CA PRO C 172 -28.62 -11.98 3.29
C PRO C 172 -29.60 -13.10 3.59
N ASP C 173 -30.82 -12.92 3.10
CA ASP C 173 -31.90 -13.89 3.22
C ASP C 173 -32.02 -14.61 1.87
N GLN C 174 -31.51 -15.84 1.81
CA GLN C 174 -31.52 -16.60 0.57
C GLN C 174 -32.92 -17.09 0.19
N THR C 175 -33.87 -17.06 1.12
CA THR C 175 -35.23 -17.51 0.84
C THR C 175 -35.99 -16.49 0.01
N GLN C 176 -35.62 -15.21 0.10
CA GLN C 176 -36.30 -14.13 -0.58
C GLN C 176 -35.65 -13.76 -1.90
N LEU C 177 -34.71 -14.56 -2.38
CA LEU C 177 -33.93 -14.26 -3.58
C LEU C 177 -34.04 -15.37 -4.61
N ASN C 178 -35.11 -16.14 -4.55
CA ASN C 178 -35.35 -17.22 -5.51
C ASN C 178 -36.18 -16.70 -6.67
N GLY C 179 -36.22 -17.49 -7.74
CA GLY C 179 -36.89 -17.07 -8.96
C GLY C 179 -38.38 -16.84 -8.80
N THR C 180 -38.98 -17.36 -7.74
CA THR C 180 -40.39 -17.13 -7.50
C THR C 180 -40.63 -15.80 -6.80
N ILE C 181 -39.84 -15.52 -5.76
CA ILE C 181 -40.00 -14.28 -5.02
C ILE C 181 -39.20 -13.15 -5.68
N ALA C 182 -38.10 -13.48 -6.35
CA ALA C 182 -37.22 -12.50 -6.97
C ALA C 182 -37.06 -12.84 -8.44
N PRO C 183 -38.07 -12.57 -9.26
CA PRO C 183 -37.92 -12.80 -10.69
C PRO C 183 -37.01 -11.76 -11.33
N SER C 184 -36.01 -12.23 -12.05
CA SER C 184 -34.98 -11.39 -12.64
C SER C 184 -35.38 -10.84 -14.00
N ASP C 185 -36.67 -10.83 -14.31
CA ASP C 185 -37.10 -10.45 -15.65
C ASP C 185 -37.05 -8.94 -15.85
N ASN C 186 -37.48 -8.18 -14.86
CA ASN C 186 -37.42 -6.73 -14.91
C ASN C 186 -36.18 -6.22 -14.17
N ASN C 187 -35.03 -6.71 -14.62
CA ASN C 187 -33.77 -6.44 -13.96
C ASN C 187 -32.65 -6.42 -14.98
N TYR C 188 -31.77 -5.43 -14.87
CA TYR C 188 -30.56 -5.42 -15.67
C TYR C 188 -29.69 -6.59 -15.28
N LYS C 189 -29.30 -7.41 -16.26
CA LYS C 189 -28.54 -8.61 -15.99
C LYS C 189 -27.64 -8.94 -17.17
N TYR C 190 -26.73 -9.88 -16.92
CA TYR C 190 -25.82 -10.40 -17.93
C TYR C 190 -25.76 -11.91 -17.76
N ILE C 191 -26.26 -12.64 -18.75
CA ILE C 191 -26.24 -14.09 -18.71
C ILE C 191 -24.91 -14.55 -19.32
N LEU C 192 -24.05 -15.10 -18.47
CA LEU C 192 -22.71 -15.50 -18.85
C LEU C 192 -22.67 -16.98 -19.16
N ASP C 193 -22.24 -17.34 -20.36
CA ASP C 193 -22.07 -18.72 -20.77
C ASP C 193 -20.67 -19.18 -20.40
N LEU C 194 -20.60 -20.32 -19.72
CA LEU C 194 -19.34 -20.88 -19.24
C LEU C 194 -18.83 -21.99 -20.15
N THR C 195 -19.40 -22.14 -21.33
CA THR C 195 -18.93 -23.15 -22.26
C THR C 195 -17.43 -23.04 -22.49
N ASN C 196 -16.96 -21.85 -22.82
CA ASN C 196 -15.53 -21.60 -22.97
C ASN C 196 -15.05 -20.40 -22.18
N ASP C 197 -15.89 -19.37 -22.07
CA ASP C 197 -15.51 -18.18 -21.33
C ASP C 197 -15.64 -18.43 -19.83
N THR C 198 -15.05 -17.51 -19.06
CA THR C 198 -14.95 -17.68 -17.62
C THR C 198 -15.43 -16.45 -16.86
N GLU C 199 -15.21 -15.26 -17.40
CA GLU C 199 -15.31 -14.04 -16.62
C GLU C 199 -16.13 -13.00 -17.35
N VAL C 200 -16.49 -11.96 -16.60
CA VAL C 200 -17.12 -10.76 -17.12
C VAL C 200 -16.90 -9.65 -16.10
N THR C 201 -16.51 -8.48 -16.57
CA THR C 201 -16.41 -7.30 -15.72
C THR C 201 -17.70 -6.52 -15.84
N ILE C 202 -18.41 -6.40 -14.71
CA ILE C 202 -19.68 -5.69 -14.65
C ILE C 202 -19.47 -4.39 -13.89
N LYS C 203 -19.67 -3.27 -14.57
CA LYS C 203 -19.62 -1.96 -13.96
C LYS C 203 -21.03 -1.46 -13.72
N VAL C 204 -21.30 -0.99 -12.51
CA VAL C 204 -22.61 -0.49 -12.13
C VAL C 204 -22.50 1.02 -11.89
N PRO C 205 -22.99 1.85 -12.79
CA PRO C 205 -22.99 3.29 -12.53
C PRO C 205 -23.83 3.64 -11.32
N TYR C 206 -23.55 4.80 -10.76
CA TYR C 206 -24.23 5.22 -9.54
C TYR C 206 -25.68 5.58 -9.85
N VAL C 207 -26.61 4.86 -9.22
CA VAL C 207 -28.03 5.12 -9.33
C VAL C 207 -28.62 5.11 -7.94
N SER C 208 -29.29 6.19 -7.57
CA SER C 208 -29.94 6.28 -6.26
C SER C 208 -30.76 7.56 -6.25
N ASN C 209 -31.66 7.64 -5.27
CA ASN C 209 -32.40 8.86 -5.01
C ASN C 209 -31.63 9.83 -4.13
N LYS C 210 -30.34 9.57 -3.91
CA LYS C 210 -29.48 10.44 -3.14
C LYS C 210 -28.25 10.78 -3.97
N MET C 211 -27.75 12.01 -3.79
CA MET C 211 -26.56 12.43 -4.51
C MET C 211 -25.34 11.69 -4.00
N PHE C 212 -25.35 11.29 -2.74
CA PHE C 212 -24.27 10.54 -2.12
C PHE C 212 -24.88 9.50 -1.19
N MET C 213 -24.16 8.41 -1.00
CA MET C 213 -24.57 7.35 -0.10
C MET C 213 -23.62 7.32 1.09
N LYS C 214 -24.08 6.71 2.18
CA LYS C 214 -23.30 6.68 3.41
C LYS C 214 -22.16 5.68 3.31
N THR C 215 -21.10 5.94 4.07
CA THR C 215 -19.93 5.06 4.12
C THR C 215 -19.92 4.16 5.34
N VAL C 216 -20.98 4.15 6.14
CA VAL C 216 -21.02 3.29 7.32
C VAL C 216 -20.90 1.84 6.92
N GLY C 217 -21.87 1.34 6.16
CA GLY C 217 -21.84 -0.04 5.75
C GLY C 217 -22.23 -0.93 6.89
N ILE C 218 -21.41 -1.94 7.15
CA ILE C 218 -21.69 -2.95 8.15
C ILE C 218 -21.24 -2.53 9.55
N TYR C 219 -20.57 -1.40 9.69
CA TYR C 219 -20.12 -0.93 10.99
C TYR C 219 -21.28 -0.76 11.94
N GLY C 220 -21.33 -1.58 12.99
CA GLY C 220 -22.39 -1.47 13.98
C GLY C 220 -23.76 -1.81 13.46
N ALA C 221 -23.86 -2.73 12.52
CA ALA C 221 -25.13 -3.08 11.89
C ALA C 221 -25.64 -4.38 12.46
N HIS C 222 -26.89 -4.39 12.90
CA HIS C 222 -27.47 -5.56 13.54
C HIS C 222 -28.99 -5.40 13.56
N ASP C 223 -29.66 -6.27 14.32
CA ASP C 223 -31.11 -6.26 14.38
C ASP C 223 -31.68 -4.89 14.72
N GLU C 224 -31.01 -4.16 15.61
CA GLU C 224 -31.47 -2.82 15.96
C GLU C 224 -30.99 -1.77 14.96
N ASP C 225 -29.72 -1.83 14.57
CA ASP C 225 -29.13 -0.84 13.68
C ASP C 225 -28.99 -1.46 12.30
N ASN C 226 -29.95 -1.16 11.42
CA ASN C 226 -29.92 -1.65 10.05
C ASN C 226 -30.22 -0.59 9.01
N TRP C 227 -30.49 0.66 9.41
CA TRP C 227 -30.84 1.69 8.44
C TRP C 227 -29.61 2.15 7.67
N ASN C 228 -28.52 2.46 8.37
CA ASN C 228 -27.34 3.01 7.73
C ASN C 228 -26.71 2.02 6.77
N PHE C 229 -26.91 0.73 6.97
CA PHE C 229 -26.42 -0.27 6.02
C PHE C 229 -27.19 -0.17 4.70
N ASP C 230 -28.51 -0.10 4.78
CA ASP C 230 -29.31 -0.02 3.57
C ASP C 230 -29.06 1.27 2.80
N GLU C 231 -28.78 2.36 3.50
CA GLU C 231 -28.47 3.65 2.88
C GLU C 231 -26.98 3.84 2.64
N SER C 232 -26.22 2.74 2.53
CA SER C 232 -24.82 2.77 2.17
C SER C 232 -24.54 2.11 0.83
N PHE C 233 -25.54 1.48 0.22
CA PHE C 233 -25.39 0.77 -1.02
C PHE C 233 -26.55 1.08 -1.93
N THR C 234 -26.28 1.14 -3.22
CA THR C 234 -27.31 1.42 -4.21
C THR C 234 -28.14 0.20 -4.55
N GLY C 235 -27.69 -0.98 -4.18
CA GLY C 235 -28.41 -2.20 -4.45
C GLY C 235 -27.52 -3.40 -4.27
N PHE C 236 -27.70 -4.41 -5.11
CA PHE C 236 -26.92 -5.63 -5.00
C PHE C 236 -26.99 -6.39 -6.31
N LEU C 237 -25.91 -7.10 -6.61
CA LEU C 237 -25.89 -8.10 -7.67
C LEU C 237 -26.10 -9.47 -7.06
N CYS C 238 -26.90 -10.28 -7.72
CA CYS C 238 -27.17 -11.65 -7.30
C CYS C 238 -26.76 -12.60 -8.41
N ILE C 239 -25.87 -13.53 -8.09
CA ILE C 239 -25.36 -14.51 -9.04
C ILE C 239 -26.17 -15.79 -8.87
N ARG C 240 -26.92 -16.14 -9.91
CA ARG C 240 -27.83 -17.27 -9.89
C ARG C 240 -27.65 -18.10 -11.15
N PRO C 241 -27.80 -19.43 -11.05
CA PRO C 241 -27.76 -20.26 -12.24
C PRO C 241 -29.00 -20.08 -13.10
N ILE C 242 -28.79 -20.04 -14.42
CA ILE C 242 -29.85 -20.15 -15.40
C ILE C 242 -29.91 -21.58 -15.89
N THR C 243 -28.75 -22.24 -15.90
CA THR C 243 -28.65 -23.66 -16.21
C THR C 243 -27.69 -24.29 -15.22
N LYS C 244 -28.11 -25.39 -14.60
CA LYS C 244 -27.28 -26.05 -13.61
C LYS C 244 -25.89 -26.31 -14.16
N LEU C 245 -24.90 -26.44 -13.29
CA LEU C 245 -23.54 -26.68 -13.72
C LEU C 245 -23.44 -28.10 -14.27
N MET C 246 -23.20 -28.19 -15.58
CA MET C 246 -22.98 -29.48 -16.21
C MET C 246 -21.51 -29.85 -16.05
N ALA C 247 -21.26 -31.07 -15.60
CA ALA C 247 -19.89 -31.50 -15.35
C ALA C 247 -19.81 -33.02 -15.39
N PRO C 248 -18.89 -33.60 -16.15
CA PRO C 248 -18.71 -35.05 -16.12
C PRO C 248 -18.08 -35.49 -14.81
N ASP C 249 -18.06 -36.80 -14.63
CA ASP C 249 -17.43 -37.41 -13.46
C ASP C 249 -15.91 -37.44 -13.56
N THR C 250 -15.35 -36.95 -14.66
CA THR C 250 -13.91 -36.87 -14.86
C THR C 250 -13.33 -35.54 -14.38
N VAL C 251 -14.17 -34.62 -13.92
CA VAL C 251 -13.75 -33.32 -13.43
C VAL C 251 -14.43 -33.06 -12.10
N SER C 252 -14.08 -31.94 -11.49
CA SER C 252 -14.70 -31.55 -10.24
C SER C 252 -16.19 -31.28 -10.42
N GLN C 253 -16.97 -31.65 -9.42
CA GLN C 253 -18.41 -31.38 -9.40
C GLN C 253 -18.72 -30.01 -8.82
N LYS C 254 -17.73 -29.13 -8.74
CA LYS C 254 -17.92 -27.80 -8.23
C LYS C 254 -16.88 -26.87 -8.83
N VAL C 255 -17.28 -25.64 -9.11
CA VAL C 255 -16.37 -24.61 -9.57
C VAL C 255 -16.41 -23.46 -8.58
N SER C 256 -15.33 -22.68 -8.58
CA SER C 256 -15.20 -21.52 -7.71
C SER C 256 -15.52 -20.26 -8.51
N ILE C 257 -16.27 -19.36 -7.91
CA ILE C 257 -16.65 -18.09 -8.50
C ILE C 257 -15.95 -16.99 -7.72
N VAL C 258 -14.84 -16.52 -8.24
CA VAL C 258 -14.08 -15.44 -7.62
C VAL C 258 -14.59 -14.11 -8.15
N VAL C 259 -14.71 -13.13 -7.27
CA VAL C 259 -15.21 -11.81 -7.61
C VAL C 259 -14.25 -10.77 -7.08
N TRP C 260 -13.65 -10.00 -7.98
CA TRP C 260 -12.83 -8.86 -7.60
C TRP C 260 -13.67 -7.59 -7.59
N LYS C 261 -13.33 -6.68 -6.69
CA LYS C 261 -14.09 -5.47 -6.48
C LYS C 261 -13.18 -4.25 -6.56
N TRP C 262 -13.64 -3.23 -7.27
CA TRP C 262 -12.94 -1.95 -7.32
C TRP C 262 -13.92 -0.89 -7.80
N ALA C 263 -13.49 0.37 -7.73
CA ALA C 263 -14.34 1.50 -8.00
C ALA C 263 -13.75 2.39 -9.08
N GLU C 264 -14.65 3.04 -9.83
CA GLU C 264 -14.29 4.03 -10.82
C GLU C 264 -15.14 5.27 -10.60
N ASP C 265 -14.66 6.40 -11.10
CA ASP C 265 -15.41 7.65 -11.08
C ASP C 265 -15.82 8.02 -9.65
N VAL C 266 -14.81 8.14 -8.80
CA VAL C 266 -14.99 8.24 -7.36
C VAL C 266 -15.05 9.71 -6.95
N VAL C 267 -15.95 10.00 -6.02
CA VAL C 267 -15.93 11.27 -5.29
C VAL C 267 -16.29 10.97 -3.85
N VAL C 268 -15.57 11.62 -2.93
CA VAL C 268 -15.79 11.48 -1.49
C VAL C 268 -16.02 12.86 -0.92
N VAL C 269 -16.93 12.96 0.05
CA VAL C 269 -17.55 14.23 0.36
C VAL C 269 -16.88 14.94 1.54
N GLU C 270 -16.99 14.35 2.74
CA GLU C 270 -16.39 15.05 3.87
C GLU C 270 -15.35 14.16 4.56
N PRO C 271 -14.29 14.76 5.09
CA PRO C 271 -13.15 13.97 5.58
C PRO C 271 -13.37 13.38 6.96
N LYS C 272 -14.60 13.30 7.41
CA LYS C 272 -14.94 12.75 8.71
C LYS C 272 -15.73 11.46 8.54
N PRO C 273 -15.38 10.40 9.26
CA PRO C 273 -16.19 9.17 9.18
C PRO C 273 -17.56 9.34 9.84
N LEU C 274 -18.49 8.51 9.37
CA LEU C 274 -19.83 8.45 9.95
C LEU C 274 -19.92 7.47 11.11
N THR C 275 -18.80 6.88 11.51
CA THR C 275 -18.80 5.80 12.47
C THR C 275 -18.97 6.32 13.89
N SER C 276 -19.52 5.47 14.75
CA SER C 276 -19.65 5.82 16.16
C SER C 276 -18.30 6.11 16.78
N GLY C 277 -17.28 5.38 16.34
CA GLY C 277 -15.94 5.56 16.83
C GLY C 277 -14.98 5.89 15.72
N PRO C 278 -13.74 6.15 16.08
CA PRO C 278 -12.75 6.56 15.08
C PRO C 278 -12.35 5.39 14.20
N THR C 279 -11.56 5.72 13.19
CA THR C 279 -10.96 4.71 12.33
C THR C 279 -9.94 3.91 13.14
N GLN C 280 -10.09 2.60 13.17
CA GLN C 280 -9.19 1.75 13.94
C GLN C 280 -8.80 0.54 13.09
N VAL C 281 -7.51 0.30 12.99
CA VAL C 281 -6.99 -0.87 12.30
C VAL C 281 -6.92 -2.02 13.29
N TYR C 282 -7.34 -3.19 12.85
CA TYR C 282 -7.36 -4.37 13.70
C TYR C 282 -5.97 -5.00 13.73
N ASN C 283 -5.36 -5.01 14.91
CA ASN C 283 -4.09 -5.67 15.11
C ASN C 283 -4.36 -7.06 15.66
N PRO C 284 -4.24 -8.12 14.88
CA PRO C 284 -4.55 -9.45 15.38
C PRO C 284 -3.68 -9.80 16.59
N PRO C 285 -4.30 -10.10 17.73
CA PRO C 285 -3.50 -10.51 18.89
C PRO C 285 -2.89 -11.87 18.69
N ALA C 286 -1.91 -12.18 19.54
CA ALA C 286 -1.17 -13.43 19.42
C ALA C 286 -2.10 -14.62 19.60
N VAL C 287 -2.69 -14.75 20.78
CA VAL C 287 -3.53 -15.88 21.11
C VAL C 287 -4.99 -15.44 21.07
N ALA C 288 -5.88 -16.43 20.91
CA ALA C 288 -7.30 -16.15 20.86
C ALA C 288 -7.85 -15.73 22.22
N ARG C 289 -7.13 -16.06 23.31
CA ARG C 289 -7.56 -15.62 24.63
C ARG C 289 -7.30 -14.13 24.84
N ASP C 290 -6.48 -13.51 24.00
CA ASP C 290 -6.07 -12.14 24.22
C ASP C 290 -7.17 -11.17 23.80
N LEU C 291 -7.33 -10.11 24.59
CA LEU C 291 -8.27 -9.06 24.28
C LEU C 291 -7.62 -8.04 23.35
N VAL C 292 -8.45 -7.40 22.54
CA VAL C 292 -7.95 -6.48 21.53
C VAL C 292 -7.74 -5.10 22.14
N LYS C 293 -6.96 -4.28 21.44
CA LYS C 293 -6.66 -2.94 21.89
C LYS C 293 -7.84 -2.02 21.61
N GLN C 294 -8.12 -1.14 22.57
CA GLN C 294 -9.08 -0.06 22.40
C GLN C 294 -8.40 1.26 22.70
N ILE C 295 -8.55 2.20 21.80
CA ILE C 295 -7.83 3.46 21.83
C ILE C 295 -8.60 4.45 22.68
N ASP C 296 -7.86 5.27 23.45
CA ASP C 296 -8.52 6.17 24.38
C ASP C 296 -9.14 7.32 23.63
N VAL C 297 -10.45 7.52 23.81
CA VAL C 297 -11.14 8.66 23.21
C VAL C 297 -11.58 9.65 24.27
N SER C 298 -11.14 9.48 25.51
CA SER C 298 -11.52 10.43 26.55
C SER C 298 -10.72 11.69 26.32
N MET C 299 -11.42 12.81 26.19
CA MET C 299 -10.75 14.04 25.83
C MET C 299 -10.09 14.71 27.01
N GLN C 300 -10.26 14.16 28.18
CA GLN C 300 -9.68 14.73 29.37
C GLN C 300 -8.86 13.68 30.10
N THR D 9 69.69 -1.89 -32.01
CA THR D 9 68.51 -1.64 -31.19
C THR D 9 67.49 -2.73 -31.40
N ASN D 10 67.44 -3.12 -32.67
CA ASN D 10 66.45 -4.01 -33.24
C ASN D 10 66.79 -5.47 -32.95
N VAL D 11 66.43 -5.93 -31.76
CA VAL D 11 66.70 -7.30 -31.38
C VAL D 11 65.38 -7.99 -31.10
N HIS D 12 65.37 -9.30 -31.27
CA HIS D 12 64.16 -10.09 -31.19
C HIS D 12 64.17 -10.99 -29.97
N ASN D 13 62.98 -11.30 -29.49
CA ASN D 13 62.77 -12.29 -28.43
C ASN D 13 63.44 -11.89 -27.12
N THR D 14 63.76 -10.61 -26.95
CA THR D 14 64.30 -10.13 -25.70
C THR D 14 64.17 -8.62 -25.64
N LYS D 15 63.98 -8.12 -24.42
CA LYS D 15 63.98 -6.70 -24.12
C LYS D 15 65.15 -6.43 -23.18
N LEU D 16 66.12 -5.68 -23.65
CA LEU D 16 67.31 -5.41 -22.86
C LEU D 16 67.04 -4.28 -21.87
N ALA D 17 67.88 -4.20 -20.86
CA ALA D 17 67.72 -3.19 -19.83
C ALA D 17 68.09 -1.83 -20.37
N SER D 18 67.27 -0.83 -20.06
CA SER D 18 67.41 0.49 -20.64
C SER D 18 66.74 1.51 -19.73
N THR D 19 67.08 2.78 -19.95
CA THR D 19 66.43 3.86 -19.26
C THR D 19 65.15 4.26 -20.01
N SER D 20 64.31 5.02 -19.33
CA SER D 20 63.00 5.35 -19.86
C SER D 20 62.52 6.64 -19.18
N ALA D 21 61.30 7.04 -19.51
CA ALA D 21 60.74 8.25 -18.95
C ALA D 21 60.63 8.12 -17.43
N GLU D 22 61.02 9.18 -16.73
CA GLU D 22 61.33 9.14 -15.31
C GLU D 22 60.11 9.25 -14.41
N ASN D 23 58.90 9.15 -14.96
CA ASN D 23 57.69 9.20 -14.13
C ASN D 23 56.58 8.46 -14.88
N ALA D 24 56.33 7.22 -14.50
CA ALA D 24 55.39 6.36 -15.19
C ALA D 24 54.25 5.97 -14.27
N ILE D 25 53.03 6.00 -14.81
CA ILE D 25 51.85 5.58 -14.07
C ILE D 25 50.97 4.74 -14.98
N GLU D 26 51.00 3.43 -14.78
CA GLU D 26 50.15 2.50 -15.52
C GLU D 26 48.94 2.14 -14.66
N LYS D 27 47.77 2.32 -15.24
CA LYS D 27 46.50 2.00 -14.58
C LYS D 27 45.89 0.80 -15.26
N GLU D 28 45.93 -0.34 -14.58
CA GLU D 28 45.09 -1.47 -14.95
C GLU D 28 43.71 -1.21 -14.36
N GLN D 29 42.85 -2.22 -14.37
CA GLN D 29 41.43 -1.98 -14.10
C GLN D 29 41.25 -1.11 -12.87
N ILE D 30 41.74 -1.58 -11.73
CA ILE D 30 41.57 -0.87 -10.47
C ILE D 30 42.88 -0.63 -9.76
N THR D 31 43.92 -1.39 -10.07
CA THR D 31 45.25 -1.19 -9.54
C THR D 31 46.01 -0.20 -10.41
N THR D 32 46.73 0.70 -9.75
CA THR D 32 47.46 1.77 -10.42
C THR D 32 48.91 1.71 -9.97
N PHE D 33 49.79 1.31 -10.89
CA PHE D 33 51.21 1.21 -10.61
C PHE D 33 51.90 2.53 -10.91
N HIS D 34 52.62 3.05 -9.94
CA HIS D 34 53.61 4.09 -10.18
C HIS D 34 54.99 3.47 -10.17
N ASP D 35 55.77 3.78 -11.19
CA ASP D 35 57.13 3.28 -11.34
C ASP D 35 58.06 4.45 -11.56
N VAL D 36 59.31 4.29 -11.11
CA VAL D 36 60.27 5.37 -11.23
C VAL D 36 60.55 5.67 -12.70
N GLU D 37 60.65 4.62 -13.51
CA GLU D 37 60.77 4.76 -14.95
C GLU D 37 59.81 3.79 -15.62
N THR D 38 59.56 4.04 -16.90
CA THR D 38 58.63 3.22 -17.65
C THR D 38 59.13 1.77 -17.69
N PRO D 39 58.34 0.79 -17.29
CA PRO D 39 58.80 -0.60 -17.32
C PRO D 39 59.32 -0.97 -18.70
N ASN D 40 60.20 -1.97 -18.71
CA ASN D 40 60.78 -2.47 -19.95
C ASN D 40 60.00 -3.72 -20.34
N ARG D 41 59.00 -3.52 -21.18
CA ARG D 41 58.10 -4.59 -21.59
C ARG D 41 58.71 -5.38 -22.73
N ILE D 42 58.32 -6.66 -22.81
CA ILE D 42 58.44 -7.43 -24.03
C ILE D 42 57.06 -7.95 -24.37
N ASP D 43 56.56 -7.57 -25.55
CA ASP D 43 55.29 -8.04 -26.03
C ASP D 43 55.55 -8.92 -27.25
N THR D 44 54.52 -9.61 -27.69
CA THR D 44 54.67 -10.48 -28.85
C THR D 44 54.61 -9.63 -30.11
N PRO D 45 55.56 -9.79 -31.03
CA PRO D 45 55.53 -9.01 -32.27
C PRO D 45 54.49 -9.56 -33.25
N MET D 46 53.66 -8.66 -33.75
CA MET D 46 52.58 -8.99 -34.69
C MET D 46 51.74 -10.13 -34.14
N ALA D 47 51.13 -9.87 -32.99
CA ALA D 47 50.37 -10.87 -32.27
C ALA D 47 49.10 -11.25 -33.02
N GLN D 48 48.59 -12.43 -32.70
CA GLN D 48 47.38 -12.96 -33.30
C GLN D 48 46.51 -13.55 -32.20
N ASP D 49 45.26 -13.83 -32.55
CA ASP D 49 44.36 -14.61 -31.71
C ASP D 49 44.27 -16.00 -32.34
N THR D 50 45.02 -16.94 -31.78
CA THR D 50 45.13 -18.29 -32.30
C THR D 50 44.10 -19.23 -31.71
N SER D 51 43.01 -18.71 -31.17
CA SER D 51 41.93 -19.49 -30.63
C SER D 51 40.66 -19.27 -31.45
N SER D 52 39.61 -20.01 -31.08
CA SER D 52 38.31 -19.92 -31.72
C SER D 52 37.20 -19.58 -30.75
N ALA D 53 37.55 -19.15 -29.54
CA ALA D 53 36.53 -18.90 -28.52
C ALA D 53 35.62 -17.75 -28.93
N ARG D 54 36.16 -16.72 -29.56
CA ARG D 54 35.36 -15.60 -30.02
C ARG D 54 34.42 -15.97 -31.15
N SER D 55 34.61 -17.12 -31.77
CA SER D 55 33.73 -17.60 -32.82
C SER D 55 32.67 -18.56 -32.32
N MET D 56 32.84 -19.11 -31.12
CA MET D 56 31.91 -20.10 -30.59
C MET D 56 30.69 -19.44 -29.97
N ASP D 57 30.90 -18.39 -29.17
CA ASP D 57 29.82 -17.69 -28.51
C ASP D 57 30.34 -16.32 -28.08
N ASP D 58 29.44 -15.52 -27.53
CA ASP D 58 29.81 -14.22 -27.01
C ASP D 58 30.27 -14.35 -25.56
N THR D 59 31.18 -13.48 -25.17
CA THR D 59 31.71 -13.49 -23.81
C THR D 59 30.72 -12.77 -22.91
N HIS D 60 30.11 -13.53 -22.00
CA HIS D 60 29.07 -12.98 -21.15
C HIS D 60 29.68 -12.19 -20.00
N SER D 61 28.96 -11.17 -19.57
CA SER D 61 29.39 -10.33 -18.46
C SER D 61 28.80 -10.87 -17.16
N ILE D 62 29.09 -10.17 -16.07
CA ILE D 62 28.47 -10.53 -14.79
C ILE D 62 26.99 -10.15 -14.80
N ILE D 63 26.65 -9.04 -15.43
CA ILE D 63 25.25 -8.65 -15.54
C ILE D 63 24.48 -9.70 -16.33
N GLN D 64 25.08 -10.26 -17.38
CA GLN D 64 24.44 -11.31 -18.14
C GLN D 64 24.33 -12.59 -17.32
N PHE D 65 25.41 -12.96 -16.63
CA PHE D 65 25.38 -14.15 -15.79
C PHE D 65 24.27 -14.09 -14.75
N LEU D 66 24.12 -12.93 -14.12
CA LEU D 66 23.09 -12.76 -13.10
C LEU D 66 21.69 -12.69 -13.68
N GLN D 67 21.57 -12.52 -14.99
CA GLN D 67 20.28 -12.52 -15.67
C GLN D 67 19.86 -13.91 -16.11
N ARG D 68 20.59 -14.93 -15.71
CA ARG D 68 20.28 -16.29 -16.11
C ARG D 68 19.20 -16.87 -15.19
N PRO D 69 18.11 -17.42 -15.73
CA PRO D 69 17.12 -18.03 -14.85
C PRO D 69 17.68 -19.23 -14.12
N VAL D 70 17.32 -19.34 -12.84
CA VAL D 70 17.74 -20.43 -11.97
C VAL D 70 16.49 -21.07 -11.38
N LEU D 71 16.43 -22.40 -11.44
CA LEU D 71 15.35 -23.13 -10.80
C LEU D 71 15.52 -23.08 -9.29
N ILE D 72 14.56 -22.47 -8.61
CA ILE D 72 14.61 -22.29 -7.16
C ILE D 72 13.86 -23.39 -6.44
N ASP D 73 12.65 -23.71 -6.89
CA ASP D 73 11.79 -24.64 -6.21
C ASP D 73 10.92 -25.38 -7.22
N ASN D 74 10.55 -26.61 -6.86
CA ASN D 74 9.58 -27.40 -7.60
C ASN D 74 8.54 -27.90 -6.60
N ILE D 75 7.31 -27.41 -6.73
CA ILE D 75 6.23 -27.74 -5.82
C ILE D 75 5.26 -28.68 -6.52
N GLU D 76 4.62 -29.52 -5.74
CA GLU D 76 3.59 -30.45 -6.23
C GLU D 76 2.43 -30.44 -5.26
N ILE D 77 1.34 -29.79 -5.64
CA ILE D 77 0.15 -29.72 -4.81
C ILE D 77 -0.79 -30.84 -5.25
N VAL D 78 -1.26 -31.62 -4.28
CA VAL D 78 -2.19 -32.71 -4.52
C VAL D 78 -3.57 -32.32 -4.01
N ALA D 79 -4.60 -32.75 -4.71
CA ALA D 79 -5.96 -32.43 -4.33
C ALA D 79 -6.43 -33.33 -3.20
N GLY D 80 -7.36 -32.81 -2.42
CA GLY D 80 -7.88 -33.54 -1.28
C GLY D 80 -6.87 -33.66 -0.16
N THR D 81 -6.20 -32.55 0.15
CA THR D 81 -5.18 -32.50 1.17
C THR D 81 -5.43 -31.28 2.02
N THR D 82 -5.49 -31.46 3.34
CA THR D 82 -5.61 -30.34 4.27
C THR D 82 -4.25 -29.85 4.72
N ALA D 83 -3.39 -29.60 3.73
CA ALA D 83 -2.05 -29.09 3.96
C ALA D 83 -2.02 -27.60 3.63
N ASP D 84 -0.98 -26.93 4.13
CA ASP D 84 -0.88 -25.50 3.94
C ASP D 84 -0.78 -25.13 2.47
N ASN D 85 -0.29 -26.05 1.64
CA ASN D 85 -0.14 -25.74 0.22
C ASN D 85 -1.47 -25.78 -0.53
N ASN D 86 -2.41 -26.62 -0.08
CA ASN D 86 -3.71 -26.71 -0.74
C ASN D 86 -4.80 -25.93 -0.04
N THR D 87 -4.73 -25.80 1.28
CA THR D 87 -5.75 -25.05 2.00
C THR D 87 -5.76 -23.60 1.52
N ALA D 88 -6.94 -23.04 1.41
CA ALA D 88 -7.12 -21.82 0.63
C ALA D 88 -6.85 -20.59 1.47
N LEU D 89 -7.06 -19.43 0.85
CA LEU D 89 -6.81 -18.15 1.47
C LEU D 89 -8.05 -17.74 2.25
N SER D 90 -7.85 -17.34 3.50
CA SER D 90 -8.95 -17.18 4.45
C SER D 90 -9.52 -15.76 4.44
N ARG D 91 -10.85 -15.68 4.51
CA ARG D 91 -11.53 -14.39 4.47
C ARG D 91 -11.01 -13.46 5.57
N TYR D 92 -10.93 -13.95 6.80
CA TYR D 92 -10.47 -13.15 7.92
C TYR D 92 -9.29 -13.82 8.60
N VAL D 93 -8.56 -13.02 9.37
CA VAL D 93 -7.50 -13.49 10.25
C VAL D 93 -7.71 -12.75 11.57
N LEU D 94 -8.25 -13.44 12.56
CA LEU D 94 -8.54 -12.81 13.84
C LEU D 94 -7.40 -12.94 14.82
N ASP D 95 -6.53 -13.93 14.66
CA ASP D 95 -5.44 -14.17 15.58
C ASP D 95 -4.21 -14.60 14.80
N ARG D 96 -3.04 -14.47 15.42
CA ARG D 96 -1.80 -14.86 14.79
C ARG D 96 -1.54 -16.36 14.87
N THR D 97 -2.18 -17.08 15.78
CA THR D 97 -2.12 -18.53 15.76
C THR D 97 -2.90 -19.14 14.61
N ASN D 98 -3.52 -18.32 13.78
CA ASN D 98 -4.42 -18.75 12.72
C ASN D 98 -4.17 -17.90 11.48
N PRO D 99 -2.94 -17.81 10.99
CA PRO D 99 -2.64 -16.87 9.93
C PRO D 99 -2.97 -17.44 8.56
N GLN D 100 -2.67 -16.66 7.53
CA GLN D 100 -2.91 -17.10 6.17
C GLN D 100 -1.89 -18.16 5.77
N LYS D 101 -2.36 -19.18 5.08
CA LYS D 101 -1.51 -20.28 4.65
C LYS D 101 -1.00 -20.02 3.25
N TYR D 102 0.24 -20.44 2.99
CA TYR D 102 0.88 -20.20 1.72
C TYR D 102 1.58 -21.47 1.26
N ILE D 103 1.79 -21.56 -0.05
CA ILE D 103 2.44 -22.74 -0.62
C ILE D 103 3.94 -22.68 -0.38
N LYS D 104 4.57 -21.55 -0.67
CA LYS D 104 6.01 -21.41 -0.51
C LYS D 104 6.33 -19.93 -0.34
N GLN D 105 7.33 -19.66 0.47
CA GLN D 105 7.81 -18.31 0.73
C GLN D 105 9.27 -18.21 0.31
N TRP D 106 9.66 -17.01 -0.13
CA TRP D 106 11.01 -16.76 -0.62
C TRP D 106 11.52 -15.45 -0.05
N THR D 107 12.64 -15.50 0.64
CA THR D 107 13.33 -14.28 1.06
C THR D 107 14.12 -13.74 -0.12
N LEU D 108 13.89 -12.49 -0.46
CA LEU D 108 14.57 -11.89 -1.59
C LEU D 108 15.39 -10.69 -1.16
N PRO D 109 16.51 -10.41 -1.84
CA PRO D 109 17.00 -11.15 -3.01
C PRO D 109 17.89 -12.35 -2.68
N SER D 110 18.02 -12.69 -1.39
CA SER D 110 18.94 -13.75 -0.98
C SER D 110 18.74 -15.02 -1.79
N THR D 111 17.50 -15.48 -1.89
CA THR D 111 17.21 -16.73 -2.57
C THR D 111 17.76 -16.80 -3.98
N VAL D 112 18.11 -15.66 -4.57
CA VAL D 112 18.72 -15.62 -5.90
C VAL D 112 20.23 -15.46 -5.82
N LEU D 113 20.70 -14.61 -4.90
CA LEU D 113 22.14 -14.46 -4.69
C LEU D 113 22.78 -15.78 -4.27
N LYS D 114 22.02 -16.66 -3.61
CA LYS D 114 22.50 -17.95 -3.15
C LYS D 114 22.10 -19.07 -4.08
N ALA D 115 22.08 -18.82 -5.39
CA ALA D 115 21.55 -19.78 -6.34
C ALA D 115 22.24 -19.60 -7.69
N GLY D 116 22.41 -20.72 -8.39
CA GLY D 116 22.93 -20.70 -9.73
C GLY D 116 24.35 -20.21 -9.87
N GLY D 117 25.15 -20.27 -8.81
CA GLY D 117 26.51 -19.79 -8.89
C GLY D 117 26.60 -18.29 -9.03
N LYS D 118 25.60 -17.55 -8.55
CA LYS D 118 25.63 -16.10 -8.62
C LYS D 118 26.47 -15.48 -7.53
N ALA D 119 26.57 -16.14 -6.38
CA ALA D 119 27.43 -15.65 -5.31
C ALA D 119 28.89 -15.66 -5.72
N GLN D 120 29.27 -16.56 -6.63
CA GLN D 120 30.64 -16.59 -7.12
C GLN D 120 30.98 -15.33 -7.91
N LYS D 121 30.00 -14.77 -8.59
CA LYS D 121 30.21 -13.57 -9.40
C LYS D 121 29.96 -12.30 -8.61
N LEU D 122 29.08 -12.33 -7.62
CA LEU D 122 28.87 -11.22 -6.72
C LEU D 122 30.00 -11.07 -5.71
N ALA D 123 30.83 -12.08 -5.55
CA ALA D 123 31.93 -12.02 -4.60
C ALA D 123 32.91 -10.92 -4.98
N ASN D 124 33.52 -10.33 -3.96
CA ASN D 124 34.50 -9.25 -4.13
C ASN D 124 33.86 -7.97 -4.62
N PHE D 125 32.58 -7.82 -4.33
CA PHE D 125 31.82 -6.62 -4.62
C PHE D 125 31.02 -6.24 -3.39
N LYS D 126 30.87 -4.95 -3.15
CA LYS D 126 30.31 -4.44 -1.91
C LYS D 126 28.85 -4.02 -2.04
N TYR D 127 28.47 -3.37 -3.13
CA TYR D 127 27.13 -2.81 -3.29
C TYR D 127 26.46 -3.36 -4.53
N LEU D 128 25.14 -3.50 -4.44
CA LEU D 128 24.32 -4.02 -5.53
C LEU D 128 22.99 -3.29 -5.61
N ARG D 129 22.51 -3.08 -6.83
CA ARG D 129 21.15 -2.63 -7.10
C ARG D 129 20.60 -3.54 -8.18
N CYS D 130 19.48 -4.20 -7.91
CA CYS D 130 18.94 -5.16 -8.84
C CYS D 130 17.45 -5.32 -8.61
N ASP D 131 16.74 -5.59 -9.70
CA ASP D 131 15.37 -6.06 -9.65
C ASP D 131 15.36 -7.58 -9.84
N VAL D 132 14.37 -8.22 -9.23
CA VAL D 132 14.25 -9.67 -9.25
C VAL D 132 13.13 -10.01 -10.23
N GLN D 133 13.43 -10.88 -11.18
CA GLN D 133 12.45 -11.32 -12.16
C GLN D 133 12.05 -12.74 -11.78
N VAL D 134 10.76 -13.01 -11.70
CA VAL D 134 10.25 -14.33 -11.31
C VAL D 134 9.39 -14.88 -12.44
N LYS D 135 9.57 -16.15 -12.76
CA LYS D 135 8.72 -16.88 -13.69
C LYS D 135 8.33 -18.22 -13.10
N ILE D 136 7.03 -18.50 -13.08
CA ILE D 136 6.48 -19.77 -12.63
C ILE D 136 5.86 -20.47 -13.82
N VAL D 137 6.27 -21.71 -14.07
CA VAL D 137 5.66 -22.55 -15.10
C VAL D 137 4.87 -23.64 -14.37
N LEU D 138 3.55 -23.54 -14.45
CA LEU D 138 2.65 -24.53 -13.89
C LEU D 138 2.13 -25.44 -14.99
N ASN D 139 1.83 -26.68 -14.62
CA ASN D 139 1.28 -27.65 -15.55
C ASN D 139 0.23 -28.48 -14.84
N ALA D 140 -0.96 -28.54 -15.43
CA ALA D 140 -2.09 -29.26 -14.87
C ALA D 140 -2.96 -29.74 -16.01
N ASN D 141 -3.27 -31.03 -16.02
CA ASN D 141 -4.03 -31.60 -17.11
C ASN D 141 -5.36 -30.86 -17.26
N PRO D 142 -6.03 -31.00 -18.41
CA PRO D 142 -7.24 -30.20 -18.65
C PRO D 142 -8.39 -30.51 -17.71
N PHE D 143 -8.26 -31.52 -16.86
CA PHE D 143 -9.32 -31.92 -15.95
C PHE D 143 -9.12 -31.41 -14.53
N ILE D 144 -8.08 -30.62 -14.29
CA ILE D 144 -7.81 -30.04 -12.98
C ILE D 144 -7.97 -28.53 -13.08
N ALA D 145 -8.58 -27.95 -12.06
CA ALA D 145 -8.80 -26.51 -11.98
C ALA D 145 -8.24 -25.99 -10.68
N GLY D 146 -8.19 -24.67 -10.58
CA GLY D 146 -7.64 -24.02 -9.41
C GLY D 146 -7.14 -22.64 -9.75
N ARG D 147 -6.73 -21.92 -8.71
CA ARG D 147 -6.29 -20.55 -8.87
C ARG D 147 -5.36 -20.19 -7.72
N LEU D 148 -4.18 -19.69 -8.05
CA LEU D 148 -3.21 -19.21 -7.09
C LEU D 148 -3.03 -17.71 -7.25
N TYR D 149 -2.38 -17.11 -6.25
CA TYR D 149 -2.06 -15.69 -6.27
C TYR D 149 -0.61 -15.53 -5.82
N LEU D 150 0.25 -15.10 -6.73
CA LEU D 150 1.63 -14.79 -6.41
C LEU D 150 1.73 -13.31 -6.06
N ALA D 151 2.13 -13.02 -4.83
CA ALA D 151 2.25 -11.66 -4.35
C ALA D 151 3.55 -11.51 -3.59
N TYR D 152 4.05 -10.28 -3.54
CA TYR D 152 5.24 -9.94 -2.77
C TYR D 152 4.93 -8.86 -1.76
N SER D 153 5.48 -9.03 -0.56
CA SER D 153 5.29 -8.11 0.55
C SER D 153 6.64 -7.55 0.97
N PRO D 154 6.88 -6.24 0.82
CA PRO D 154 8.16 -5.69 1.27
C PRO D 154 8.23 -5.60 2.78
N TYR D 155 9.40 -5.90 3.32
CA TYR D 155 9.68 -5.75 4.75
C TYR D 155 8.70 -6.55 5.59
N ASP D 156 8.14 -7.61 5.02
CA ASP D 156 7.13 -8.40 5.73
C ASP D 156 7.71 -9.00 7.02
N ASP D 157 8.98 -9.38 6.99
CA ASP D 157 9.62 -9.95 8.17
C ASP D 157 10.05 -8.89 9.17
N LYS D 158 10.21 -7.65 8.72
CA LYS D 158 10.68 -6.57 9.58
C LYS D 158 9.59 -5.57 9.94
N VAL D 159 8.43 -5.64 9.33
CA VAL D 159 7.34 -4.71 9.59
C VAL D 159 6.44 -5.30 10.65
N ALA D 160 5.76 -4.42 11.38
CA ALA D 160 4.86 -4.82 12.45
C ALA D 160 3.89 -5.89 11.96
N PRO D 161 3.39 -6.76 12.84
CA PRO D 161 2.55 -7.87 12.36
C PRO D 161 1.27 -7.42 11.70
N GLU D 162 0.60 -6.40 12.25
CA GLU D 162 -0.64 -5.92 11.63
C GLU D 162 -0.42 -5.46 10.19
N ARG D 163 0.81 -5.15 9.81
CA ARG D 163 1.12 -4.64 8.49
C ARG D 163 1.61 -5.72 7.54
N ARG D 164 1.55 -6.97 7.94
CA ARG D 164 2.08 -8.07 7.15
C ARG D 164 1.02 -8.68 6.27
N ILE D 165 1.46 -9.19 5.10
CA ILE D 165 0.56 -9.90 4.21
C ILE D 165 0.03 -11.16 4.89
N ILE D 166 0.90 -11.82 5.65
CA ILE D 166 0.43 -12.73 6.69
C ILE D 166 -0.21 -11.89 7.78
N TYR D 167 -1.26 -12.42 8.39
CA TYR D 167 -2.04 -11.72 9.41
C TYR D 167 -2.94 -10.64 8.85
N THR D 168 -3.34 -10.74 7.59
CA THR D 168 -4.38 -9.90 7.01
C THR D 168 -5.36 -10.77 6.25
N SER D 169 -6.37 -10.12 5.69
CA SER D 169 -7.49 -10.80 5.08
C SER D 169 -7.20 -11.18 3.63
N ARG D 170 -8.13 -11.96 3.06
CA ARG D 170 -8.05 -12.30 1.65
C ARG D 170 -8.13 -11.05 0.79
N ALA D 171 -9.01 -10.12 1.12
CA ALA D 171 -9.10 -8.88 0.38
C ALA D 171 -7.90 -7.99 0.61
N GLY D 172 -7.18 -8.19 1.70
CA GLY D 172 -5.94 -7.48 1.94
C GLY D 172 -4.79 -8.12 1.19
N VAL D 173 -4.69 -9.45 1.28
CA VAL D 173 -3.67 -10.17 0.53
C VAL D 173 -3.77 -9.83 -0.95
N THR D 174 -4.97 -9.98 -1.52
CA THR D 174 -5.15 -9.71 -2.93
C THR D 174 -5.12 -8.23 -3.27
N GLY D 175 -4.97 -7.36 -2.27
CA GLY D 175 -4.66 -5.98 -2.52
C GLY D 175 -3.20 -5.69 -2.71
N TYR D 176 -2.36 -6.69 -2.48
CA TYR D 176 -0.93 -6.56 -2.69
C TYR D 176 -0.60 -6.73 -4.16
N PRO D 177 0.57 -6.26 -4.59
CA PRO D 177 1.00 -6.45 -5.97
C PRO D 177 1.24 -7.93 -6.26
N GLY D 178 0.47 -8.47 -7.20
CA GLY D 178 0.60 -9.88 -7.51
C GLY D 178 -0.02 -10.23 -8.84
N VAL D 179 0.05 -11.51 -9.17
CA VAL D 179 -0.44 -12.05 -10.42
C VAL D 179 -1.41 -13.18 -10.10
N GLU D 180 -2.59 -13.13 -10.73
CA GLU D 180 -3.55 -14.20 -10.65
C GLU D 180 -3.13 -15.34 -11.57
N LEU D 181 -3.12 -16.56 -11.05
CA LEU D 181 -2.50 -17.70 -11.72
C LEU D 181 -3.48 -18.85 -11.77
N ASP D 182 -4.28 -18.91 -12.83
CA ASP D 182 -5.22 -19.99 -13.04
C ASP D 182 -4.56 -21.13 -13.80
N PHE D 183 -5.02 -22.35 -13.52
CA PHE D 183 -4.38 -23.52 -14.08
C PHE D 183 -4.69 -23.66 -15.57
N GLN D 184 -5.91 -23.34 -15.98
CA GLN D 184 -6.35 -23.53 -17.35
C GLN D 184 -6.34 -22.25 -18.18
N LEU D 185 -6.07 -21.10 -17.57
CA LEU D 185 -5.88 -19.85 -18.30
C LEU D 185 -4.42 -19.44 -18.34
N ASP D 186 -3.78 -19.33 -17.18
CA ASP D 186 -2.41 -18.84 -17.06
C ASP D 186 -1.53 -20.02 -16.64
N ASN D 187 -1.07 -20.78 -17.62
CA ASN D 187 -0.12 -21.85 -17.38
C ASN D 187 1.23 -21.33 -16.91
N SER D 188 1.46 -20.02 -17.02
CA SER D 188 2.74 -19.42 -16.66
C SER D 188 2.51 -17.94 -16.36
N VAL D 189 3.17 -17.46 -15.32
CA VAL D 189 3.10 -16.06 -14.94
C VAL D 189 4.51 -15.54 -14.70
N GLU D 190 4.67 -14.25 -14.94
CA GLU D 190 5.92 -13.55 -14.72
C GLU D 190 5.70 -12.40 -13.76
N MET D 191 6.77 -11.98 -13.10
CA MET D 191 6.68 -10.93 -12.10
C MET D 191 8.03 -10.24 -11.97
N THR D 192 7.99 -8.91 -11.92
CA THR D 192 9.16 -8.10 -11.68
C THR D 192 9.02 -7.42 -10.33
N ILE D 193 9.90 -7.79 -9.41
CA ILE D 193 9.97 -7.17 -8.09
C ILE D 193 11.04 -6.09 -8.16
N PRO D 194 10.72 -4.82 -7.90
CA PRO D 194 11.72 -3.77 -8.02
C PRO D 194 12.72 -3.81 -6.88
N TYR D 195 13.75 -2.98 -7.02
CA TYR D 195 14.73 -2.79 -5.97
C TYR D 195 14.02 -2.25 -4.73
N ALA D 196 13.96 -3.05 -3.68
CA ALA D 196 13.09 -2.80 -2.53
C ALA D 196 13.81 -2.20 -1.33
N SER D 197 15.09 -1.94 -1.43
CA SER D 197 15.81 -1.36 -0.30
C SER D 197 15.52 0.12 -0.18
N PHE D 198 15.50 0.58 1.07
CA PHE D 198 15.36 2.00 1.37
C PHE D 198 16.68 2.74 1.28
N GLN D 199 17.79 2.02 1.12
CA GLN D 199 19.11 2.59 1.05
C GLN D 199 19.64 2.48 -0.38
N GLU D 200 20.74 3.17 -0.64
CA GLU D 200 21.14 3.43 -2.00
C GLU D 200 21.64 2.19 -2.73
N ALA D 201 21.86 1.08 -2.02
CA ALA D 201 22.25 -0.16 -2.68
C ALA D 201 22.27 -1.26 -1.64
N TYR D 202 22.10 -2.49 -2.12
CA TYR D 202 22.25 -3.66 -1.26
C TYR D 202 23.69 -3.81 -0.82
N ASP D 203 23.90 -3.99 0.48
CA ASP D 203 25.22 -4.28 1.01
C ASP D 203 25.42 -5.80 1.01
N LEU D 204 26.35 -6.28 0.18
CA LEU D 204 26.58 -7.69 -0.01
C LEU D 204 27.53 -8.30 0.99
N VAL D 205 28.11 -7.51 1.90
CA VAL D 205 29.10 -7.98 2.84
C VAL D 205 28.58 -7.85 4.26
N SER D 206 28.30 -6.62 4.68
CA SER D 206 27.90 -6.37 6.06
C SER D 206 26.45 -6.78 6.30
N GLY D 207 25.52 -6.13 5.61
CA GLY D 207 24.12 -6.36 5.83
C GLY D 207 23.57 -7.53 5.04
N ASN D 208 23.38 -8.67 5.70
CA ASN D 208 22.66 -9.79 5.09
C ASN D 208 21.17 -9.64 5.38
N GLU D 209 20.62 -8.56 4.82
CA GLU D 209 19.23 -8.19 5.03
C GLU D 209 18.41 -8.53 3.79
N ASP D 210 17.16 -8.91 4.02
CA ASP D 210 16.20 -9.12 2.96
C ASP D 210 15.10 -8.08 3.09
N PHE D 211 14.58 -7.62 1.96
CA PHE D 211 13.70 -6.47 1.94
C PHE D 211 12.35 -6.74 1.29
N VAL D 212 12.16 -7.88 0.65
CA VAL D 212 10.89 -8.19 0.00
C VAL D 212 10.69 -9.70 0.06
N GLN D 213 9.54 -10.11 0.58
CA GLN D 213 9.15 -11.51 0.67
C GLN D 213 8.14 -11.83 -0.42
N LEU D 214 8.33 -12.96 -1.07
CA LEU D 214 7.47 -13.40 -2.17
C LEU D 214 6.65 -14.59 -1.70
N TYR D 215 5.33 -14.45 -1.82
CA TYR D 215 4.39 -15.44 -1.32
C TYR D 215 3.58 -16.00 -2.48
N LEU D 216 3.25 -17.29 -2.38
CA LEU D 216 2.41 -17.98 -3.35
C LEU D 216 1.20 -18.51 -2.59
N PHE D 217 0.08 -17.81 -2.73
CA PHE D 217 -1.13 -18.13 -1.99
C PHE D 217 -2.05 -19.00 -2.84
N THR D 218 -3.15 -19.42 -2.23
CA THR D 218 -4.13 -20.29 -2.87
C THR D 218 -5.50 -19.64 -2.75
N ILE D 219 -6.06 -19.19 -3.87
CA ILE D 219 -7.41 -18.66 -3.87
C ILE D 219 -8.43 -19.80 -3.85
N ALA D 220 -8.31 -20.72 -4.81
CA ALA D 220 -9.15 -21.90 -4.89
C ALA D 220 -8.26 -23.13 -4.90
N PRO D 221 -8.49 -24.09 -4.01
CA PRO D 221 -7.66 -25.30 -4.01
C PRO D 221 -7.83 -26.11 -5.28
N VAL D 222 -6.97 -27.10 -5.43
CA VAL D 222 -7.00 -27.96 -6.61
C VAL D 222 -8.35 -28.66 -6.66
N LEU D 223 -9.12 -28.37 -7.69
CA LEU D 223 -10.44 -28.97 -7.90
C LEU D 223 -10.29 -30.12 -8.89
N GLY D 224 -10.42 -31.34 -8.39
CA GLY D 224 -10.34 -32.51 -9.21
C GLY D 224 -11.48 -33.47 -8.96
N PRO D 225 -11.49 -34.58 -9.69
CA PRO D 225 -12.57 -35.57 -9.53
C PRO D 225 -12.76 -35.96 -8.06
N SER D 226 -13.99 -36.37 -7.74
CA SER D 226 -14.27 -36.90 -6.42
C SER D 226 -13.48 -38.17 -6.15
N ALA D 227 -13.35 -39.02 -7.16
CA ALA D 227 -12.64 -40.29 -7.02
C ALA D 227 -11.17 -40.03 -6.73
N GLU D 228 -10.68 -40.56 -5.61
CA GLU D 228 -9.28 -40.36 -5.25
C GLU D 228 -8.37 -40.93 -6.33
N SER D 229 -7.34 -40.15 -6.67
CA SER D 229 -6.45 -40.51 -7.77
C SER D 229 -5.14 -39.77 -7.58
N ALA D 230 -4.04 -40.43 -7.93
CA ALA D 230 -2.73 -39.78 -7.89
C ALA D 230 -2.59 -38.71 -8.97
N ASN D 231 -3.50 -38.68 -9.94
CA ASN D 231 -3.38 -37.77 -11.07
C ASN D 231 -3.99 -36.41 -10.81
N SER D 232 -4.84 -36.28 -9.79
CA SER D 232 -5.46 -35.00 -9.45
C SER D 232 -4.46 -34.18 -8.65
N LYS D 233 -3.61 -33.46 -9.38
CA LYS D 233 -2.53 -32.70 -8.77
C LYS D 233 -2.00 -31.72 -9.80
N VAL D 234 -1.12 -30.84 -9.33
CA VAL D 234 -0.41 -29.92 -10.22
C VAL D 234 1.04 -29.84 -9.77
N ASP D 235 1.93 -29.60 -10.73
CA ASP D 235 3.35 -29.47 -10.48
C ASP D 235 3.78 -28.07 -10.87
N LEU D 236 4.57 -27.45 -10.00
CA LEU D 236 5.06 -26.10 -10.20
C LEU D 236 6.59 -26.11 -10.29
N SER D 237 7.13 -25.10 -10.95
CA SER D 237 8.56 -24.85 -10.96
C SER D 237 8.78 -23.35 -11.05
N VAL D 238 9.56 -22.83 -10.10
CA VAL D 238 9.78 -21.41 -9.95
C VAL D 238 11.18 -21.08 -10.43
N TYR D 239 11.27 -20.11 -11.33
CA TYR D 239 12.54 -19.61 -11.85
C TYR D 239 12.74 -18.18 -11.38
N MET D 240 13.99 -17.84 -11.12
CA MET D 240 14.36 -16.51 -10.66
C MET D 240 15.64 -16.05 -11.32
N TRP D 241 15.73 -14.73 -11.51
CA TRP D 241 16.95 -14.10 -11.98
C TRP D 241 16.85 -12.62 -11.64
N LEU D 242 17.93 -11.90 -11.92
CA LEU D 242 18.05 -10.49 -11.60
C LEU D 242 17.97 -9.65 -12.87
N ASP D 243 17.66 -8.37 -12.67
CA ASP D 243 17.56 -7.43 -13.78
C ASP D 243 17.87 -6.04 -13.27
N ASN D 244 18.34 -5.18 -14.17
CA ASN D 244 18.73 -3.82 -13.84
C ASN D 244 19.80 -3.81 -12.74
N ILE D 245 20.95 -4.36 -13.10
CA ILE D 245 22.01 -4.71 -12.17
C ILE D 245 23.06 -3.63 -12.13
N SER D 246 23.72 -3.49 -10.97
CA SER D 246 24.85 -2.58 -10.86
C SER D 246 25.73 -3.04 -9.69
N LEU D 247 26.84 -3.70 -10.03
CA LEU D 247 27.94 -4.00 -9.12
C LEU D 247 29.04 -2.99 -9.37
N VAL D 248 29.49 -2.32 -8.29
CA VAL D 248 30.31 -1.13 -8.45
C VAL D 248 31.63 -1.19 -7.69
N ILE D 249 31.58 -1.38 -6.37
CA ILE D 249 32.72 -1.10 -5.50
C ILE D 249 33.37 -2.42 -5.10
N PRO D 250 34.64 -2.65 -5.43
CA PRO D 250 35.29 -3.89 -5.02
C PRO D 250 35.53 -3.94 -3.51
N THR D 251 35.99 -5.10 -3.07
CA THR D 251 36.27 -5.36 -1.66
C THR D 251 36.89 -6.74 -1.55
N TYR D 252 37.70 -6.93 -0.51
CA TYR D 252 38.31 -8.22 -0.25
C TYR D 252 37.44 -9.11 0.62
N ARG D 253 36.35 -8.60 1.15
CA ARG D 253 35.51 -9.33 2.08
C ARG D 253 34.42 -10.12 1.34
N LEU D 254 33.91 -11.12 2.02
CA LEU D 254 32.87 -11.99 1.49
C LEU D 254 31.82 -12.23 2.57
N ASN D 255 30.60 -12.54 2.13
CA ASN D 255 29.56 -12.99 3.03
C ASN D 255 29.62 -14.51 3.11
N PRO D 256 30.01 -15.11 4.25
CA PRO D 256 30.05 -16.58 4.30
C PRO D 256 28.67 -17.22 4.17
N ASN D 257 27.60 -16.43 4.24
CA ASN D 257 26.26 -16.98 4.08
C ASN D 257 26.01 -17.46 2.66
N LEU D 258 26.72 -16.87 1.69
CA LEU D 258 26.45 -17.12 0.28
C LEU D 258 27.50 -18.04 -0.33
#